data_3EOL
#
_entry.id   3EOL
#
_cell.length_a   79.702
_cell.length_b   79.702
_cell.length_c   281.595
_cell.angle_alpha   90.000
_cell.angle_beta   90.000
_cell.angle_gamma   90.000
#
_symmetry.space_group_name_H-M   'P 43 21 2'
#
loop_
_entity.id
_entity.type
_entity.pdbx_description
1 polymer 'isocitrate lyase'
2 non-polymer GLYCEROL
3 non-polymer DI(HYDROXYETHYL)ETHER
4 water water
#
_entity_poly.entity_id   1
_entity_poly.type   'polypeptide(L)'
_entity_poly.pdbx_seq_one_letter_code
;GPGSMTDFYSLIPSAPKGRFDGIERAHTAEDVKRLRGSVEIKYSLAEMGANRLWKLIHEEDFVNALGALSGNQAMQMVRA
GLKAIYLSGWQVAADANTASAMYPDQSLYPANAGPELAKRINRTLQRADQIETAEGKGLSVDTWFAPIVADAEAGFGDPL
DAFEIMKAYIEAGAAGVHFEDQLASEKKCGHLGGKVLIPTAAHIRNLNAARLAADVMGTPTLIVARTDAEAAKLLTSDID
ERDQPFVDYEAGRTAEGFYQVKNGIEPCIARAIAYAPYCDLIWMETSKPDLAQARRFAEAVHKAHPGKLLAYNCSPSFNW
KKNLDDATIAKFQRELGAMGYKFQFITLAGFHQLNYGMFELARGYKDRQMAAYSELQQAEFAAEADGYTATKHQREVGTG
YFDAVSLAITGGQSSTTAMKESTETAQFKPAAE
;
_entity_poly.pdbx_strand_id   A,B
#
loop_
_chem_comp.id
_chem_comp.type
_chem_comp.name
_chem_comp.formula
GOL non-polymer GLYCEROL 'C3 H8 O3'
PEG non-polymer DI(HYDROXYETHYL)ETHER 'C4 H10 O3'
#
# COMPACT_ATOMS: atom_id res chain seq x y z
N ASP A 7 10.17 31.75 -9.00
CA ASP A 7 10.51 31.18 -10.34
C ASP A 7 10.82 29.69 -10.27
N PHE A 8 10.00 28.90 -10.97
CA PHE A 8 10.09 27.45 -10.90
C PHE A 8 11.02 26.80 -11.91
N TYR A 9 11.38 27.54 -12.95
CA TYR A 9 12.28 27.01 -13.96
C TYR A 9 13.69 26.75 -13.44
N SER A 10 14.12 27.52 -12.42
CA SER A 10 15.41 27.29 -11.75
C SER A 10 15.40 25.99 -10.97
N LEU A 11 14.24 25.61 -10.45
CA LEU A 11 14.11 24.41 -9.62
C LEU A 11 14.03 23.14 -10.46
N ILE A 12 13.72 23.30 -11.75
CA ILE A 12 13.56 22.19 -12.68
C ILE A 12 14.37 22.53 -13.93
N PRO A 13 15.71 22.32 -13.86
CA PRO A 13 16.61 22.88 -14.89
C PRO A 13 16.47 22.26 -16.28
N SER A 14 15.92 21.04 -16.37
CA SER A 14 15.72 20.42 -17.67
C SER A 14 14.36 20.78 -18.30
N ALA A 15 13.58 21.60 -17.61
CA ALA A 15 12.23 21.94 -18.09
C ALA A 15 12.32 22.76 -19.38
N PRO A 16 11.62 22.34 -20.44
CA PRO A 16 11.71 23.11 -21.69
C PRO A 16 10.99 24.46 -21.57
N LYS A 17 11.26 25.37 -22.49
CA LYS A 17 10.64 26.70 -22.46
C LYS A 17 9.13 26.59 -22.58
N GLY A 18 8.41 27.27 -21.69
CA GLY A 18 6.95 27.26 -21.70
C GLY A 18 6.31 26.01 -21.12
N ARG A 19 7.13 25.09 -20.60
CA ARG A 19 6.64 23.86 -19.99
C ARG A 19 5.49 24.10 -19.02
N PHE A 20 5.56 25.20 -18.28
CA PHE A 20 4.57 25.49 -17.25
C PHE A 20 3.54 26.59 -17.54
N ASP A 21 3.49 27.05 -18.79
CA ASP A 21 2.41 27.95 -19.23
C ASP A 21 1.04 27.41 -18.84
N GLY A 22 0.26 28.23 -18.15
CA GLY A 22 -1.11 27.86 -17.75
C GLY A 22 -1.23 26.93 -16.54
N ILE A 23 -0.10 26.57 -15.95
CA ILE A 23 -0.11 25.69 -14.79
C ILE A 23 -0.09 26.50 -13.49
N GLU A 24 -0.99 26.16 -12.59
CA GLU A 24 -1.09 26.84 -11.31
C GLU A 24 -0.53 25.97 -10.21
N ARG A 25 0.22 26.58 -9.29
CA ARG A 25 0.70 25.87 -8.12
C ARG A 25 0.18 26.54 -6.85
N ALA A 26 -0.27 25.73 -5.91
CA ALA A 26 -0.74 26.16 -4.60
C ALA A 26 0.42 26.53 -3.67
N HIS A 27 1.59 25.90 -3.90
CA HIS A 27 2.82 26.20 -3.15
C HIS A 27 3.73 27.18 -3.88
N THR A 28 4.82 27.53 -3.22
CA THR A 28 5.81 28.50 -3.70
C THR A 28 7.16 27.84 -3.95
N ALA A 29 8.05 28.52 -4.68
CA ALA A 29 9.42 28.06 -4.89
C ALA A 29 10.17 27.80 -3.58
N GLU A 30 9.87 28.60 -2.55
CA GLU A 30 10.49 28.47 -1.24
C GLU A 30 10.02 27.21 -0.53
N ASP A 31 8.75 26.88 -0.69
CA ASP A 31 8.21 25.60 -0.23
C ASP A 31 8.97 24.42 -0.84
N VAL A 32 9.35 24.56 -2.11
CA VAL A 32 10.06 23.49 -2.80
C VAL A 32 11.45 23.33 -2.18
N LYS A 33 12.13 24.45 -1.98
CA LYS A 33 13.48 24.46 -1.41
C LYS A 33 13.54 23.85 -0.01
N ARG A 34 12.54 24.13 0.82
CA ARG A 34 12.50 23.66 2.20
C ARG A 34 12.28 22.17 2.27
N LEU A 35 11.55 21.64 1.29
CA LEU A 35 11.23 20.22 1.23
C LEU A 35 12.28 19.42 0.49
N ARG A 36 13.07 20.09 -0.35
CA ARG A 36 14.05 19.40 -1.18
C ARG A 36 15.25 18.93 -0.38
N GLY A 37 15.67 19.73 0.61
CA GLY A 37 16.87 19.43 1.39
C GLY A 37 18.10 20.12 0.80
N SER A 38 19.28 19.79 1.32
CA SER A 38 20.51 20.49 0.93
C SER A 38 21.22 19.93 -0.32
N VAL A 39 20.71 18.83 -0.88
CA VAL A 39 21.39 18.16 -1.98
C VAL A 39 20.50 18.05 -3.22
N GLU A 40 21.10 18.15 -4.41
CA GLU A 40 20.32 17.99 -5.65
C GLU A 40 20.64 16.65 -6.30
N ILE A 41 19.75 15.68 -6.16
CA ILE A 41 19.95 14.39 -6.83
C ILE A 41 19.38 14.49 -8.24
N LYS A 42 20.12 13.99 -9.21
CA LYS A 42 19.68 13.96 -10.59
C LYS A 42 18.89 12.71 -10.92
N TYR A 43 17.79 12.90 -11.65
CA TYR A 43 16.92 11.80 -12.04
C TYR A 43 16.85 11.82 -13.55
N SER A 44 17.90 11.28 -14.16
CA SER A 44 18.19 11.45 -15.57
C SER A 44 17.10 10.88 -16.47
N LEU A 45 16.66 9.66 -16.17
CA LEU A 45 15.67 8.96 -17.00
C LEU A 45 14.31 9.63 -16.88
N ALA A 46 13.97 10.06 -15.67
CA ALA A 46 12.77 10.88 -15.48
C ALA A 46 12.78 12.20 -16.25
N GLU A 47 13.89 12.95 -16.20
CA GLU A 47 14.04 14.17 -17.00
C GLU A 47 13.91 13.87 -18.50
N MET A 48 14.64 12.83 -18.95
CA MET A 48 14.62 12.43 -20.36
C MET A 48 13.23 12.04 -20.83
N GLY A 49 12.55 11.21 -20.02
CA GLY A 49 11.25 10.67 -20.36
C GLY A 49 10.21 11.78 -20.44
N ALA A 50 10.13 12.60 -19.40
CA ALA A 50 9.21 13.74 -19.35
C ALA A 50 9.38 14.67 -20.53
N ASN A 51 10.63 15.03 -20.82
CA ASN A 51 10.94 15.93 -21.92
C ASN A 51 10.64 15.33 -23.29
N ARG A 52 10.86 14.02 -23.40
CA ARG A 52 10.52 13.36 -24.64
C ARG A 52 9.01 13.24 -24.85
N LEU A 53 8.27 12.92 -23.79
CA LEU A 53 6.82 12.85 -23.89
C LEU A 53 6.26 14.23 -24.23
N TRP A 54 6.77 15.25 -23.55
CA TRP A 54 6.35 16.63 -23.78
C TRP A 54 6.49 16.98 -25.26
N LYS A 55 7.66 16.70 -25.81
CA LYS A 55 7.93 16.87 -27.23
C LYS A 55 6.96 16.10 -28.12
N LEU A 56 6.82 14.80 -27.86
CA LEU A 56 5.96 13.93 -28.66
C LEU A 56 4.49 14.40 -28.75
N ILE A 57 3.91 14.77 -27.62
CA ILE A 57 2.50 15.16 -27.59
C ILE A 57 2.23 16.53 -28.23
N HIS A 58 3.26 17.36 -28.32
CA HIS A 58 3.17 18.64 -29.04
C HIS A 58 3.56 18.57 -30.53
N GLU A 59 4.18 17.47 -30.93
CA GLU A 59 4.66 17.30 -32.30
C GLU A 59 3.94 16.22 -33.11
N GLU A 60 3.52 15.15 -32.46
CA GLU A 60 2.79 14.08 -33.14
C GLU A 60 1.28 14.33 -33.24
N ASP A 61 0.67 13.82 -34.32
CA ASP A 61 -0.79 13.80 -34.46
C ASP A 61 -1.42 13.26 -33.17
N PHE A 62 -0.84 12.19 -32.65
CA PHE A 62 -1.14 11.64 -31.32
C PHE A 62 -0.08 10.61 -30.96
N VAL A 63 0.04 10.31 -29.67
CA VAL A 63 0.95 9.28 -29.19
C VAL A 63 0.09 8.15 -28.65
N ASN A 64 0.22 6.95 -29.24
CA ASN A 64 -0.54 5.82 -28.75
C ASN A 64 0.31 4.73 -28.06
N ALA A 65 -0.21 4.18 -26.98
CA ALA A 65 0.55 3.25 -26.16
C ALA A 65 -0.28 2.02 -25.83
N LEU A 66 0.41 0.98 -25.36
CA LEU A 66 -0.20 -0.27 -24.92
C LEU A 66 0.27 -0.50 -23.49
N GLY A 67 -0.58 -1.10 -22.66
CA GLY A 67 -0.19 -1.42 -21.29
C GLY A 67 0.83 -2.55 -21.31
N ALA A 68 2.05 -2.28 -20.81
CA ALA A 68 3.08 -3.32 -20.64
C ALA A 68 2.99 -3.99 -19.26
N LEU A 69 3.21 -5.31 -19.24
CA LEU A 69 3.24 -6.08 -17.99
C LEU A 69 4.66 -6.46 -17.55
N SER A 70 5.65 -6.27 -18.42
CA SER A 70 7.03 -6.67 -18.14
C SER A 70 8.00 -5.84 -18.97
N GLY A 71 9.27 -5.83 -18.56
CA GLY A 71 10.33 -5.20 -19.31
C GLY A 71 10.41 -5.66 -20.76
N ASN A 72 10.29 -6.99 -20.98
CA ASN A 72 10.34 -7.55 -22.34
C ASN A 72 9.19 -7.11 -23.27
N GLN A 73 7.97 -7.13 -22.75
CA GLN A 73 6.82 -6.56 -23.49
C GLN A 73 7.06 -5.12 -23.92
N ALA A 74 7.52 -4.30 -22.98
CA ALA A 74 7.82 -2.90 -23.24
C ALA A 74 8.89 -2.72 -24.30
N MET A 75 9.94 -3.55 -24.22
CA MET A 75 11.04 -3.52 -25.17
C MET A 75 10.58 -3.86 -26.58
N GLN A 76 9.72 -4.86 -26.71
CA GLN A 76 9.12 -5.21 -27.99
C GLN A 76 8.24 -4.08 -28.56
N MET A 77 7.55 -3.35 -27.70
CA MET A 77 6.78 -2.17 -28.12
C MET A 77 7.65 -1.13 -28.78
N VAL A 78 8.77 -0.81 -28.14
CA VAL A 78 9.72 0.18 -28.65
C VAL A 78 10.40 -0.37 -29.93
N ARG A 79 10.80 -1.63 -29.87
CA ARG A 79 11.35 -2.34 -31.02
C ARG A 79 10.46 -2.18 -32.27
N ALA A 80 9.17 -2.43 -32.08
CA ALA A 80 8.15 -2.38 -33.14
C ALA A 80 7.82 -0.96 -33.63
N GLY A 81 8.29 0.05 -32.90
CA GLY A 81 8.14 1.44 -33.33
C GLY A 81 7.14 2.28 -32.54
N LEU A 82 6.58 1.76 -31.45
CA LEU A 82 5.74 2.58 -30.57
C LEU A 82 6.60 3.57 -29.78
N LYS A 83 6.03 4.74 -29.43
CA LYS A 83 6.85 5.88 -28.98
C LYS A 83 6.76 6.10 -27.47
N ALA A 84 5.86 5.35 -26.84
CA ALA A 84 5.56 5.48 -25.43
C ALA A 84 5.02 4.18 -24.89
N ILE A 85 5.09 4.05 -23.56
CA ILE A 85 4.66 2.86 -22.87
C ILE A 85 3.69 3.26 -21.78
N TYR A 86 2.61 2.50 -21.64
CA TYR A 86 1.67 2.68 -20.56
C TYR A 86 1.80 1.54 -19.52
N LEU A 87 1.53 1.84 -18.26
CA LEU A 87 1.52 0.83 -17.21
C LEU A 87 0.52 1.12 -16.12
N SER A 88 -0.11 0.06 -15.64
CA SER A 88 -1.04 0.09 -14.51
C SER A 88 -0.91 -1.21 -13.74
N ASN A 112 3.23 0.14 -4.86
CA ASN A 112 4.68 0.09 -5.07
C ASN A 112 5.12 -0.88 -6.18
N ALA A 113 4.19 -1.69 -6.66
CA ALA A 113 4.45 -2.58 -7.80
C ALA A 113 4.63 -1.77 -9.10
N GLY A 114 3.83 -0.71 -9.25
CA GLY A 114 3.94 0.19 -10.39
C GLY A 114 5.31 0.81 -10.57
N PRO A 115 5.82 1.54 -9.55
CA PRO A 115 7.18 2.06 -9.64
C PRO A 115 8.24 0.97 -9.85
N GLU A 116 8.07 -0.19 -9.20
CA GLU A 116 9.01 -1.29 -9.43
C GLU A 116 8.98 -1.72 -10.90
N LEU A 117 7.79 -1.89 -11.46
CA LEU A 117 7.67 -2.25 -12.87
C LEU A 117 8.28 -1.16 -13.76
N ALA A 118 8.01 0.10 -13.44
CA ALA A 118 8.59 1.20 -14.21
C ALA A 118 10.12 1.10 -14.18
N LYS A 119 10.66 0.81 -13.00
CA LYS A 119 12.12 0.67 -12.86
C LYS A 119 12.64 -0.50 -13.71
N ARG A 120 11.94 -1.63 -13.68
CA ARG A 120 12.28 -2.84 -14.48
C ARG A 120 12.24 -2.64 -15.98
N ILE A 121 11.16 -2.01 -16.46
CA ILE A 121 11.05 -1.63 -17.87
C ILE A 121 12.25 -0.79 -18.28
N ASN A 122 12.58 0.22 -17.49
CA ASN A 122 13.71 1.07 -17.84
C ASN A 122 15.03 0.31 -17.85
N ARG A 123 15.20 -0.63 -16.91
CA ARG A 123 16.41 -1.47 -16.91
C ARG A 123 16.50 -2.27 -18.22
N THR A 124 15.37 -2.81 -18.68
CA THR A 124 15.35 -3.62 -19.89
C THR A 124 15.64 -2.75 -21.12
N LEU A 125 15.06 -1.55 -21.12
CA LEU A 125 15.34 -0.58 -22.18
C LEU A 125 16.81 -0.16 -22.19
N GLN A 126 17.39 0.07 -21.01
CA GLN A 126 18.83 0.40 -20.92
C GLN A 126 19.70 -0.69 -21.53
N ARG A 127 19.41 -1.95 -21.18
CA ARG A 127 20.11 -3.11 -21.72
C ARG A 127 20.06 -3.19 -23.25
N ALA A 128 18.85 -3.04 -23.81
CA ALA A 128 18.65 -3.03 -25.25
C ALA A 128 19.54 -1.98 -25.89
N ASP A 129 19.57 -0.80 -25.27
CA ASP A 129 20.41 0.29 -25.71
C ASP A 129 21.89 -0.05 -25.60
N GLN A 130 22.30 -0.61 -24.47
CA GLN A 130 23.69 -1.02 -24.26
C GLN A 130 24.12 -2.08 -25.27
N ILE A 131 23.25 -3.07 -25.51
CA ILE A 131 23.56 -4.13 -26.49
C ILE A 131 23.83 -3.50 -27.85
N GLU A 132 22.90 -2.69 -28.36
CA GLU A 132 23.08 -2.09 -29.69
C GLU A 132 24.23 -1.09 -29.79
N THR A 133 24.53 -0.37 -28.71
CA THR A 133 25.69 0.53 -28.69
C THR A 133 27.00 -0.27 -28.83
N ALA A 134 27.08 -1.37 -28.07
CA ALA A 134 28.25 -2.25 -28.09
C ALA A 134 28.45 -2.94 -29.44
N GLU A 135 27.36 -3.16 -30.16
CA GLU A 135 27.42 -3.72 -31.52
C GLU A 135 27.88 -2.67 -32.54
N GLY A 136 27.91 -1.40 -32.12
CA GLY A 136 28.50 -0.33 -32.90
C GLY A 136 27.93 -0.08 -34.29
N LYS A 137 26.73 -0.61 -34.53
CA LYS A 137 26.04 -0.45 -35.82
C LYS A 137 25.01 0.67 -35.82
N GLY A 138 24.90 1.40 -34.71
CA GLY A 138 23.81 2.34 -34.50
C GLY A 138 22.59 1.66 -33.88
N LEU A 139 21.65 2.46 -33.39
CA LEU A 139 20.41 1.94 -32.79
C LEU A 139 19.35 1.64 -33.86
N SER A 140 18.51 0.62 -33.59
CA SER A 140 17.41 0.27 -34.50
C SER A 140 16.12 1.09 -34.27
N VAL A 141 16.19 2.08 -33.38
CA VAL A 141 15.02 2.86 -32.99
C VAL A 141 15.38 4.34 -32.85
N ASP A 142 14.37 5.22 -32.79
CA ASP A 142 14.61 6.63 -32.53
C ASP A 142 15.38 6.74 -31.22
N THR A 143 14.85 6.07 -30.19
CA THR A 143 15.52 5.91 -28.91
C THR A 143 14.89 4.72 -28.20
N TRP A 144 15.68 4.06 -27.36
CA TRP A 144 15.20 2.97 -26.52
C TRP A 144 14.39 3.47 -25.33
N PHE A 145 14.64 4.71 -24.92
CA PHE A 145 13.98 5.26 -23.75
C PHE A 145 12.67 5.96 -24.10
N ALA A 146 11.73 5.15 -24.58
CA ALA A 146 10.34 5.56 -24.72
C ALA A 146 9.78 5.97 -23.35
N PRO A 147 9.13 7.15 -23.29
CA PRO A 147 8.42 7.56 -22.08
C PRO A 147 7.42 6.54 -21.56
N ILE A 148 7.45 6.36 -20.24
CA ILE A 148 6.51 5.52 -19.51
C ILE A 148 5.48 6.42 -18.84
N VAL A 149 4.20 6.15 -19.08
CA VAL A 149 3.12 6.82 -18.38
C VAL A 149 2.50 5.79 -17.46
N ALA A 150 2.42 6.12 -16.17
CA ALA A 150 2.04 5.15 -15.16
C ALA A 150 0.82 5.57 -14.33
N ASP A 151 0.11 4.57 -13.84
CA ASP A 151 -1.07 4.73 -13.01
C ASP A 151 -0.67 4.83 -11.55
N ALA A 152 -1.07 5.92 -10.90
CA ALA A 152 -0.83 6.11 -9.47
C ALA A 152 -2.01 5.63 -8.61
N GLU A 153 -2.58 4.47 -8.95
CA GLU A 153 -3.65 3.88 -8.15
C GLU A 153 -3.10 2.96 -7.06
N GLY A 157 -4.34 6.92 -1.33
CA GLY A 157 -5.24 7.25 -0.23
C GLY A 157 -5.58 8.73 -0.10
N ASP A 158 -4.56 9.57 0.10
CA ASP A 158 -4.75 11.03 0.18
C ASP A 158 -3.65 11.78 -0.56
N PRO A 159 -3.57 13.12 -0.36
CA PRO A 159 -2.55 13.93 -1.04
C PRO A 159 -1.10 13.62 -0.64
N LEU A 160 -0.87 13.16 0.58
CA LEU A 160 0.48 12.73 0.98
C LEU A 160 0.91 11.44 0.27
N ASP A 161 -0.02 10.52 0.07
CA ASP A 161 0.24 9.32 -0.73
C ASP A 161 0.55 9.72 -2.18
N ALA A 162 -0.18 10.71 -2.70
CA ALA A 162 0.04 11.16 -4.07
C ALA A 162 1.45 11.74 -4.21
N PHE A 163 1.85 12.51 -3.20
CA PHE A 163 3.19 13.08 -3.11
C PHE A 163 4.29 11.98 -3.15
N GLU A 164 4.13 10.96 -2.32
CA GLU A 164 5.14 9.92 -2.19
C GLU A 164 5.20 9.04 -3.43
N ILE A 165 4.03 8.78 -4.02
CA ILE A 165 3.93 7.89 -5.17
C ILE A 165 4.56 8.53 -6.41
N MET A 166 4.40 9.85 -6.53
CA MET A 166 5.01 10.63 -7.60
C MET A 166 6.55 10.61 -7.47
N LYS A 167 7.03 10.78 -6.24
CA LYS A 167 8.46 10.66 -5.95
C LYS A 167 9.02 9.29 -6.37
N ALA A 168 8.33 8.22 -6.00
CA ALA A 168 8.74 6.86 -6.39
C ALA A 168 8.78 6.67 -7.89
N TYR A 169 7.74 7.14 -8.60
CA TYR A 169 7.73 7.02 -10.06
C TYR A 169 8.84 7.80 -10.75
N ILE A 170 9.14 8.99 -10.24
CA ILE A 170 10.25 9.79 -10.77
C ILE A 170 11.60 9.07 -10.54
N GLU A 171 11.78 8.44 -9.38
CA GLU A 171 13.02 7.69 -9.13
C GLU A 171 13.14 6.51 -10.09
N ALA A 172 11.99 5.89 -10.39
CA ALA A 172 11.87 4.77 -11.32
C ALA A 172 12.18 5.19 -12.76
N GLY A 173 12.10 6.48 -13.04
CA GLY A 173 12.31 6.97 -14.41
C GLY A 173 11.05 7.12 -15.25
N ALA A 174 9.88 7.11 -14.61
CA ALA A 174 8.61 7.35 -15.31
C ALA A 174 8.54 8.79 -15.85
N ALA A 175 7.77 8.99 -16.93
CA ALA A 175 7.69 10.30 -17.60
C ALA A 175 6.41 11.04 -17.24
N GLY A 176 5.38 10.27 -16.92
CA GLY A 176 4.08 10.82 -16.56
C GLY A 176 3.39 9.90 -15.61
N VAL A 177 2.54 10.47 -14.77
CA VAL A 177 1.75 9.68 -13.85
C VAL A 177 0.29 10.16 -13.87
N HIS A 178 -0.66 9.24 -13.85
CA HIS A 178 -2.05 9.66 -13.74
C HIS A 178 -2.70 9.43 -12.36
N PHE A 179 -3.53 10.40 -11.99
CA PHE A 179 -4.22 10.42 -10.70
C PHE A 179 -5.71 10.60 -10.96
N GLU A 180 -6.51 9.73 -10.36
CA GLU A 180 -7.94 9.70 -10.57
C GLU A 180 -8.71 10.17 -9.34
N ASP A 181 -9.95 10.61 -9.57
CA ASP A 181 -10.76 11.21 -8.50
C ASP A 181 -11.78 10.26 -7.88
N GLN A 182 -11.57 8.97 -8.00
CA GLN A 182 -12.43 8.03 -7.31
C GLN A 182 -11.71 7.58 -6.04
N LEU A 183 -12.48 7.23 -5.01
CA LEU A 183 -11.94 6.63 -3.81
C LEU A 183 -11.49 5.21 -4.16
N ALA A 184 -10.26 4.86 -3.81
CA ALA A 184 -9.76 3.51 -4.12
C ALA A 184 -10.21 2.47 -3.09
N GLY A 194 -20.70 0.53 -7.02
CA GLY A 194 -20.21 1.50 -8.01
C GLY A 194 -19.03 2.33 -7.49
N LYS A 195 -18.45 3.12 -8.38
CA LYS A 195 -17.33 3.99 -8.02
C LYS A 195 -17.82 5.14 -7.12
N VAL A 196 -16.93 5.67 -6.29
CA VAL A 196 -17.27 6.78 -5.41
C VAL A 196 -16.27 7.88 -5.66
N LEU A 197 -16.77 9.06 -6.00
CA LEU A 197 -15.94 10.22 -6.24
C LEU A 197 -15.50 10.84 -4.93
N ILE A 198 -14.35 11.53 -4.98
CA ILE A 198 -13.94 12.41 -3.91
C ILE A 198 -14.30 13.84 -4.33
N PRO A 199 -14.34 14.80 -3.38
CA PRO A 199 -14.68 16.16 -3.82
C PRO A 199 -13.68 16.76 -4.82
N THR A 200 -14.17 17.64 -5.69
CA THR A 200 -13.30 18.35 -6.62
C THR A 200 -12.05 18.95 -5.93
N ALA A 201 -12.23 19.55 -4.75
CA ALA A 201 -11.12 20.23 -4.03
C ALA A 201 -10.04 19.25 -3.57
N ALA A 202 -10.47 18.08 -3.15
CA ALA A 202 -9.60 16.99 -2.71
C ALA A 202 -8.69 16.49 -3.86
N HIS A 203 -9.25 16.37 -5.06
CA HIS A 203 -8.44 15.90 -6.20
C HIS A 203 -7.43 16.91 -6.62
N ILE A 204 -7.85 18.18 -6.61
CA ILE A 204 -6.94 19.29 -6.83
C ILE A 204 -5.79 19.25 -5.84
N ARG A 205 -6.08 18.85 -4.59
CA ARG A 205 -5.02 18.70 -3.61
C ARG A 205 -4.08 17.55 -3.98
N ASN A 206 -4.63 16.42 -4.42
CA ASN A 206 -3.81 15.31 -4.96
C ASN A 206 -2.92 15.76 -6.11
N LEU A 207 -3.53 16.46 -7.08
CA LEU A 207 -2.82 16.96 -8.24
C LEU A 207 -1.69 17.91 -7.88
N ASN A 208 -1.95 18.79 -6.91
CA ASN A 208 -0.95 19.76 -6.54
C ASN A 208 0.19 19.13 -5.75
N ALA A 209 -0.14 18.10 -4.99
CA ALA A 209 0.83 17.34 -4.20
C ALA A 209 1.78 16.60 -5.14
N ALA A 210 1.22 16.11 -6.24
CA ALA A 210 2.00 15.46 -7.29
C ALA A 210 2.94 16.44 -7.97
N ARG A 211 2.47 17.67 -8.21
CA ARG A 211 3.32 18.72 -8.77
C ARG A 211 4.41 19.13 -7.80
N LEU A 212 4.02 19.33 -6.54
CA LEU A 212 4.98 19.65 -5.49
C LEU A 212 6.10 18.59 -5.47
N ALA A 213 5.71 17.32 -5.54
CA ALA A 213 6.64 16.18 -5.56
C ALA A 213 7.63 16.31 -6.69
N ALA A 214 7.12 16.59 -7.90
CA ALA A 214 7.95 16.72 -9.09
C ALA A 214 8.87 17.93 -9.01
N ASP A 215 8.36 19.03 -8.46
CA ASP A 215 9.19 20.23 -8.27
C ASP A 215 10.36 19.93 -7.30
N VAL A 216 10.07 19.23 -6.20
CA VAL A 216 11.07 18.86 -5.18
C VAL A 216 12.16 17.96 -5.78
N MET A 217 11.74 16.94 -6.53
CA MET A 217 12.68 16.08 -7.26
C MET A 217 13.41 16.83 -8.34
N GLY A 218 12.81 17.90 -8.86
CA GLY A 218 13.49 18.76 -9.82
C GLY A 218 13.28 18.36 -11.25
N THR A 219 12.17 17.66 -11.51
CA THR A 219 11.89 17.08 -12.83
C THR A 219 10.54 17.57 -13.41
N PRO A 220 10.50 17.76 -14.74
CA PRO A 220 9.27 18.24 -15.37
C PRO A 220 8.24 17.15 -15.69
N THR A 221 8.13 16.16 -14.81
CA THR A 221 7.16 15.07 -14.95
C THR A 221 5.71 15.52 -15.28
N LEU A 222 5.10 14.83 -16.24
CA LEU A 222 3.74 15.10 -16.66
C LEU A 222 2.75 14.53 -15.66
N ILE A 223 1.70 15.30 -15.38
CA ILE A 223 0.63 14.88 -14.52
C ILE A 223 -0.65 14.72 -15.36
N VAL A 224 -1.29 13.55 -15.29
CA VAL A 224 -2.57 13.35 -15.96
C VAL A 224 -3.67 13.29 -14.89
N ALA A 225 -4.68 14.16 -15.05
CA ALA A 225 -5.85 14.10 -14.20
C ALA A 225 -6.93 13.28 -14.88
N ARG A 226 -7.41 12.28 -14.16
CA ARG A 226 -8.48 11.43 -14.63
C ARG A 226 -9.72 11.64 -13.79
N THR A 227 -10.86 11.80 -14.48
CA THR A 227 -12.18 11.89 -13.84
C THR A 227 -13.05 10.64 -14.07
N ASP A 228 -13.62 10.12 -13.00
CA ASP A 228 -14.47 8.93 -13.04
C ASP A 228 -15.97 9.25 -12.90
N ALA A 229 -16.32 10.50 -13.14
CA ALA A 229 -17.66 11.02 -13.00
C ALA A 229 -18.65 10.57 -14.07
N GLU A 230 -18.17 10.05 -15.20
CA GLU A 230 -19.12 9.63 -16.24
C GLU A 230 -20.03 8.56 -15.70
N ALA A 231 -19.44 7.63 -14.97
CA ALA A 231 -20.16 6.46 -14.48
C ALA A 231 -20.47 6.54 -12.98
N ALA A 232 -19.67 7.28 -12.22
CA ALA A 232 -19.82 7.27 -10.75
C ALA A 232 -21.11 7.95 -10.27
N LYS A 233 -21.81 7.26 -9.38
CA LYS A 233 -23.08 7.73 -8.84
C LYS A 233 -23.00 8.13 -7.35
N LEU A 234 -21.81 8.01 -6.77
CA LEU A 234 -21.59 8.30 -5.36
C LEU A 234 -20.46 9.30 -5.18
N LEU A 235 -20.54 10.02 -4.07
CA LEU A 235 -19.59 11.06 -3.73
C LEU A 235 -19.39 11.02 -2.21
N THR A 236 -18.14 11.06 -1.76
CA THR A 236 -17.85 10.93 -0.33
C THR A 236 -18.48 12.07 0.49
N SER A 237 -18.34 13.29 -0.01
CA SER A 237 -18.82 14.48 0.69
C SER A 237 -19.29 15.54 -0.31
N ASP A 238 -20.34 16.27 0.06
CA ASP A 238 -20.84 17.41 -0.72
C ASP A 238 -20.22 18.72 -0.27
N ILE A 239 -19.09 18.66 0.44
CA ILE A 239 -18.40 19.84 0.96
C ILE A 239 -18.09 20.94 -0.08
N ASP A 240 -17.77 20.54 -1.30
CA ASP A 240 -17.32 21.48 -2.34
C ASP A 240 -18.51 22.09 -3.10
N GLU A 241 -18.57 23.43 -3.20
CA GLU A 241 -19.67 24.09 -3.94
C GLU A 241 -19.78 23.61 -5.39
N ARG A 242 -18.65 23.26 -5.99
CA ARG A 242 -18.62 22.82 -7.40
C ARG A 242 -19.27 21.46 -7.64
N ASP A 243 -19.39 20.65 -6.58
CA ASP A 243 -19.96 19.32 -6.73
C ASP A 243 -21.42 19.31 -6.39
N GLN A 244 -21.82 20.25 -5.51
CA GLN A 244 -23.17 20.31 -4.96
C GLN A 244 -24.30 20.31 -6.00
N PRO A 245 -24.14 21.03 -7.14
CA PRO A 245 -25.21 21.05 -8.15
C PRO A 245 -25.54 19.67 -8.71
N PHE A 246 -24.67 18.68 -8.50
CA PHE A 246 -24.94 17.33 -9.06
C PHE A 246 -25.47 16.39 -8.00
N VAL A 247 -25.47 16.86 -6.75
CA VAL A 247 -25.98 16.04 -5.65
C VAL A 247 -27.51 15.99 -5.65
N ASP A 248 -28.01 14.77 -5.55
CA ASP A 248 -29.41 14.48 -5.37
C ASP A 248 -29.72 14.53 -3.87
N TYR A 249 -30.10 15.70 -3.40
CA TYR A 249 -30.43 15.91 -2.00
C TYR A 249 -31.75 15.26 -1.56
N GLU A 250 -32.68 15.09 -2.50
CA GLU A 250 -33.97 14.43 -2.21
C GLU A 250 -33.78 12.97 -1.83
N ALA A 251 -32.80 12.32 -2.45
CA ALA A 251 -32.37 10.99 -2.04
C ALA A 251 -31.50 11.19 -0.81
N GLY A 252 -31.39 10.19 0.02
CA GLY A 252 -30.58 10.39 1.23
C GLY A 252 -29.09 10.32 0.95
N ARG A 253 -28.33 10.24 2.03
CA ARG A 253 -27.03 9.60 1.98
C ARG A 253 -27.31 8.10 1.97
N THR A 254 -26.38 7.33 1.45
CA THR A 254 -26.48 5.88 1.55
C THR A 254 -26.11 5.41 2.95
N ALA A 255 -26.31 4.11 3.20
CA ALA A 255 -25.96 3.47 4.47
C ALA A 255 -24.49 3.68 4.86
N GLU A 256 -23.61 3.85 3.87
CA GLU A 256 -22.19 4.09 4.10
C GLU A 256 -21.89 5.58 4.30
N GLY A 257 -22.90 6.43 4.11
CA GLY A 257 -22.76 7.87 4.30
C GLY A 257 -22.42 8.65 3.04
N PHE A 258 -22.50 7.98 1.89
CA PHE A 258 -22.14 8.64 0.64
C PHE A 258 -23.30 9.46 0.10
N TYR A 259 -22.96 10.57 -0.55
CA TYR A 259 -23.95 11.37 -1.26
C TYR A 259 -24.23 10.75 -2.62
N GLN A 260 -25.47 10.88 -3.07
CA GLN A 260 -25.87 10.34 -4.35
C GLN A 260 -25.80 11.46 -5.37
N VAL A 261 -25.37 11.12 -6.58
CA VAL A 261 -24.90 12.14 -7.49
C VAL A 261 -25.35 11.84 -8.93
N LYS A 262 -25.73 12.87 -9.66
CA LYS A 262 -26.06 12.73 -11.09
C LYS A 262 -24.78 12.55 -11.91
N ASN A 263 -24.67 11.42 -12.62
CA ASN A 263 -23.46 11.09 -13.40
C ASN A 263 -23.55 11.53 -14.86
N GLY A 264 -22.47 11.33 -15.62
CA GLY A 264 -22.49 11.58 -17.06
C GLY A 264 -21.45 12.59 -17.45
N ILE A 265 -21.56 13.11 -18.68
CA ILE A 265 -20.53 14.03 -19.22
C ILE A 265 -20.49 15.40 -18.53
N GLU A 266 -21.63 15.87 -18.04
CA GLU A 266 -21.67 17.18 -17.40
C GLU A 266 -20.76 17.30 -16.16
N PRO A 267 -20.90 16.40 -15.17
CA PRO A 267 -19.90 16.47 -14.08
C PRO A 267 -18.46 16.22 -14.56
N CYS A 268 -18.26 15.37 -15.57
CA CYS A 268 -16.91 15.20 -16.15
C CYS A 268 -16.35 16.50 -16.67
N ILE A 269 -17.18 17.24 -17.41
CA ILE A 269 -16.76 18.52 -17.95
C ILE A 269 -16.39 19.51 -16.83
N ALA A 270 -17.25 19.62 -15.82
CA ALA A 270 -17.06 20.55 -14.70
C ALA A 270 -15.76 20.24 -13.95
N ARG A 271 -15.54 18.96 -13.69
CA ARG A 271 -14.33 18.55 -12.98
C ARG A 271 -13.07 18.77 -13.81
N ALA A 272 -13.10 18.32 -15.06
CA ALA A 272 -12.00 18.60 -15.99
C ALA A 272 -11.58 20.07 -15.98
N ILE A 273 -12.56 20.97 -16.15
CA ILE A 273 -12.28 22.41 -16.20
C ILE A 273 -11.62 22.92 -14.92
N ALA A 274 -12.06 22.38 -13.79
CA ALA A 274 -11.50 22.71 -12.47
C ALA A 274 -10.09 22.11 -12.31
N TYR A 275 -9.87 20.93 -12.88
CA TYR A 275 -8.57 20.25 -12.75
C TYR A 275 -7.53 20.84 -13.65
N ALA A 276 -7.96 21.40 -14.79
CA ALA A 276 -7.07 21.83 -15.88
C ALA A 276 -5.81 22.61 -15.52
N PRO A 277 -5.90 23.59 -14.58
CA PRO A 277 -4.66 24.31 -14.26
C PRO A 277 -3.65 23.49 -13.42
N TYR A 278 -4.06 22.32 -12.94
CA TYR A 278 -3.25 21.52 -12.02
C TYR A 278 -2.73 20.23 -12.64
N CYS A 279 -2.80 20.15 -13.97
CA CYS A 279 -2.35 18.97 -14.70
C CYS A 279 -1.90 19.35 -16.11
N ASP A 280 -1.32 18.40 -16.83
CA ASP A 280 -0.82 18.64 -18.17
C ASP A 280 -1.72 18.00 -19.24
N LEU A 281 -2.41 16.93 -18.86
CA LEU A 281 -3.42 16.30 -19.70
C LEU A 281 -4.60 15.93 -18.84
N ILE A 282 -5.80 16.10 -19.42
CA ILE A 282 -7.06 15.76 -18.77
C ILE A 282 -7.62 14.50 -19.43
N TRP A 283 -8.10 13.59 -18.60
CA TRP A 283 -8.61 12.30 -19.04
C TRP A 283 -9.98 11.99 -18.43
N MET A 284 -11.00 11.90 -19.28
CA MET A 284 -12.30 11.38 -18.88
C MET A 284 -12.39 9.88 -19.14
N GLU A 285 -12.54 9.12 -18.07
CA GLU A 285 -12.72 7.68 -18.16
C GLU A 285 -14.07 7.36 -18.80
N THR A 286 -14.05 6.42 -19.75
CA THR A 286 -15.30 5.93 -20.31
C THR A 286 -15.30 4.40 -20.48
N SER A 287 -16.47 3.82 -20.30
CA SER A 287 -16.67 2.40 -20.52
C SER A 287 -17.13 2.17 -21.96
N LYS A 288 -17.74 3.21 -22.55
CA LYS A 288 -18.25 3.16 -23.91
C LYS A 288 -17.50 4.13 -24.84
N PRO A 289 -16.55 3.61 -25.64
CA PRO A 289 -15.89 4.36 -26.73
C PRO A 289 -16.88 5.00 -27.71
N ASP A 290 -16.84 6.32 -27.80
CA ASP A 290 -17.88 7.07 -28.51
C ASP A 290 -17.24 8.36 -29.00
N LEU A 291 -17.03 8.45 -30.31
CA LEU A 291 -16.35 9.59 -30.92
C LEU A 291 -17.10 10.90 -30.69
N ALA A 292 -18.43 10.81 -30.73
CA ALA A 292 -19.29 11.97 -30.55
C ALA A 292 -19.17 12.55 -29.15
N GLN A 293 -19.28 11.69 -28.13
CA GLN A 293 -19.06 12.10 -26.74
C GLN A 293 -17.64 12.66 -26.52
N ALA A 294 -16.65 12.01 -27.12
CA ALA A 294 -15.29 12.45 -26.96
C ALA A 294 -15.12 13.85 -27.54
N ARG A 295 -15.80 14.13 -28.66
CA ARG A 295 -15.71 15.46 -29.28
C ARG A 295 -16.40 16.50 -28.37
N ARG A 296 -17.57 16.09 -27.86
CA ARG A 296 -18.34 16.91 -26.92
CA ARG A 296 -18.35 16.89 -26.91
C ARG A 296 -17.51 17.30 -25.69
N PHE A 297 -16.69 16.37 -25.20
CA PHE A 297 -15.88 16.62 -24.01
C PHE A 297 -14.73 17.57 -24.32
N ALA A 298 -14.01 17.28 -25.41
CA ALA A 298 -12.91 18.12 -25.84
C ALA A 298 -13.35 19.57 -26.11
N GLU A 299 -14.44 19.72 -26.86
CA GLU A 299 -15.03 21.04 -27.15
C GLU A 299 -15.37 21.85 -25.89
N ALA A 300 -16.05 21.20 -24.93
CA ALA A 300 -16.41 21.85 -23.66
C ALA A 300 -15.17 22.24 -22.87
N VAL A 301 -14.24 21.30 -22.71
CA VAL A 301 -12.96 21.59 -22.05
C VAL A 301 -12.20 22.73 -22.76
N HIS A 302 -12.16 22.67 -24.09
CA HIS A 302 -11.47 23.68 -24.88
C HIS A 302 -12.12 25.09 -24.83
N LYS A 303 -13.42 25.16 -24.67
CA LYS A 303 -14.10 26.43 -24.31
C LYS A 303 -13.36 27.18 -23.19
N ALA A 304 -13.09 26.47 -22.09
CA ALA A 304 -12.45 27.06 -20.90
C ALA A 304 -10.95 27.15 -21.02
N HIS A 305 -10.36 26.14 -21.67
CA HIS A 305 -8.92 26.06 -21.81
C HIS A 305 -8.57 25.62 -23.22
N PRO A 306 -8.52 26.57 -24.17
CA PRO A 306 -8.17 26.23 -25.56
C PRO A 306 -6.78 25.57 -25.67
N GLY A 307 -6.68 24.56 -26.53
CA GLY A 307 -5.41 23.88 -26.76
C GLY A 307 -4.99 22.92 -25.66
N LYS A 308 -5.87 22.69 -24.68
CA LYS A 308 -5.62 21.74 -23.58
C LYS A 308 -5.38 20.32 -24.12
N LEU A 309 -4.28 19.70 -23.74
CA LEU A 309 -4.00 18.36 -24.23
C LEU A 309 -4.80 17.32 -23.45
N LEU A 310 -5.32 16.33 -24.15
CA LEU A 310 -6.18 15.34 -23.54
C LEU A 310 -5.62 13.91 -23.70
N ALA A 311 -6.09 13.00 -22.85
CA ALA A 311 -5.71 11.60 -22.94
C ALA A 311 -6.98 10.79 -23.00
N TYR A 312 -6.89 9.58 -23.56
CA TYR A 312 -8.05 8.72 -23.77
C TYR A 312 -7.64 7.26 -23.62
N ASN A 313 -8.36 6.50 -22.78
CA ASN A 313 -8.16 5.04 -22.68
C ASN A 313 -9.11 4.37 -23.62
N CYS A 314 -8.55 3.57 -24.53
CA CYS A 314 -9.35 2.81 -25.47
C CYS A 314 -9.59 1.47 -24.81
N SER A 315 -10.77 1.35 -24.19
CA SER A 315 -11.11 0.25 -23.30
C SER A 315 -10.90 -1.14 -23.92
N PRO A 316 -10.13 -1.99 -23.23
CA PRO A 316 -9.95 -3.38 -23.69
C PRO A 316 -11.20 -4.22 -23.47
N SER A 317 -12.01 -3.86 -22.48
CA SER A 317 -13.21 -4.64 -22.14
C SER A 317 -14.38 -4.37 -23.08
N PHE A 318 -14.34 -3.25 -23.79
CA PHE A 318 -15.37 -2.92 -24.79
C PHE A 318 -15.25 -3.86 -25.98
N ASN A 319 -16.38 -4.38 -26.44
CA ASN A 319 -16.36 -5.23 -27.61
C ASN A 319 -16.42 -4.35 -28.85
N TRP A 320 -15.26 -4.17 -29.47
CA TRP A 320 -15.11 -3.19 -30.55
C TRP A 320 -15.89 -3.55 -31.82
N LYS A 321 -15.68 -4.76 -32.35
CA LYS A 321 -16.30 -5.18 -33.60
C LYS A 321 -17.84 -5.25 -33.53
N LYS A 322 -18.35 -5.57 -32.34
CA LYS A 322 -19.77 -5.73 -32.11
C LYS A 322 -20.52 -4.40 -32.01
N ASN A 323 -19.86 -3.39 -31.45
CA ASN A 323 -20.51 -2.11 -31.21
C ASN A 323 -20.10 -0.99 -32.17
N LEU A 324 -19.01 -1.20 -32.91
CA LEU A 324 -18.53 -0.20 -33.86
C LEU A 324 -18.25 -0.84 -35.21
N ASP A 325 -18.59 -0.16 -36.31
CA ASP A 325 -18.27 -0.69 -37.64
C ASP A 325 -16.79 -0.57 -37.97
N ASP A 326 -16.35 -1.40 -38.92
CA ASP A 326 -14.93 -1.53 -39.25
C ASP A 326 -14.21 -0.21 -39.56
N ALA A 327 -14.93 0.74 -40.16
CA ALA A 327 -14.35 2.03 -40.55
C ALA A 327 -14.11 2.93 -39.35
N THR A 328 -15.08 2.93 -38.45
CA THR A 328 -15.01 3.67 -37.19
C THR A 328 -13.84 3.17 -36.33
N ILE A 329 -13.68 1.84 -36.27
CA ILE A 329 -12.54 1.20 -35.56
C ILE A 329 -11.22 1.63 -36.16
N ALA A 330 -11.15 1.56 -37.49
CA ALA A 330 -9.97 1.96 -38.26
C ALA A 330 -9.56 3.42 -38.03
N LYS A 331 -10.55 4.32 -37.97
CA LYS A 331 -10.28 5.75 -37.79
C LYS A 331 -10.23 6.22 -36.34
N PHE A 332 -10.56 5.33 -35.39
CA PHE A 332 -10.86 5.74 -34.01
C PHE A 332 -9.77 6.63 -33.40
N GLN A 333 -8.54 6.13 -33.39
CA GLN A 333 -7.44 6.84 -32.75
C GLN A 333 -7.04 8.11 -33.50
N ARG A 334 -6.98 8.03 -34.82
CA ARG A 334 -6.71 9.21 -35.67
C ARG A 334 -7.73 10.34 -35.38
N GLU A 335 -9.01 9.97 -35.29
CA GLU A 335 -10.11 10.92 -35.01
C GLU A 335 -9.95 11.62 -33.65
N LEU A 336 -9.70 10.83 -32.61
CA LEU A 336 -9.38 11.35 -31.30
C LEU A 336 -8.18 12.29 -31.28
N GLY A 337 -7.10 11.93 -31.98
CA GLY A 337 -5.94 12.79 -32.06
C GLY A 337 -6.28 14.19 -32.53
N ALA A 338 -7.18 14.29 -33.53
CA ALA A 338 -7.53 15.57 -34.14
C ALA A 338 -8.37 16.48 -33.21
N MET A 339 -9.04 15.86 -32.24
CA MET A 339 -9.82 16.54 -31.21
C MET A 339 -8.96 17.05 -30.04
N GLY A 340 -7.74 16.53 -29.95
CA GLY A 340 -6.78 16.95 -28.94
C GLY A 340 -6.38 15.83 -27.98
N TYR A 341 -6.81 14.60 -28.28
CA TYR A 341 -6.40 13.47 -27.47
C TYR A 341 -5.01 13.05 -27.92
N LYS A 342 -4.02 13.70 -27.33
CA LYS A 342 -2.63 13.52 -27.74
C LYS A 342 -1.95 12.28 -27.14
N PHE A 343 -2.52 11.74 -26.06
CA PHE A 343 -2.04 10.48 -25.47
C PHE A 343 -3.16 9.47 -25.35
N GLN A 344 -3.02 8.35 -26.06
CA GLN A 344 -4.06 7.35 -26.12
C GLN A 344 -3.46 6.01 -25.78
N PHE A 345 -4.24 5.14 -25.16
CA PHE A 345 -3.66 3.89 -24.68
C PHE A 345 -4.73 2.82 -24.50
N ILE A 346 -4.31 1.57 -24.60
CA ILE A 346 -5.13 0.42 -24.24
C ILE A 346 -4.52 -0.17 -22.97
N THR A 347 -5.23 -0.01 -21.87
CA THR A 347 -4.70 -0.33 -20.56
C THR A 347 -4.31 -1.80 -20.44
N LEU A 348 -5.14 -2.73 -20.82
CA LEU A 348 -4.77 -4.11 -20.47
C LEU A 348 -4.21 -4.92 -21.63
N ALA A 349 -3.58 -4.24 -22.59
CA ALA A 349 -3.24 -4.85 -23.86
C ALA A 349 -2.24 -5.97 -23.67
N GLY A 350 -1.21 -5.72 -22.86
CA GLY A 350 -0.19 -6.73 -22.53
C GLY A 350 -0.76 -7.96 -21.87
N PHE A 351 -1.67 -7.76 -20.94
CA PHE A 351 -2.39 -8.85 -20.27
C PHE A 351 -3.11 -9.77 -21.24
N HIS A 352 -3.89 -9.20 -22.16
CA HIS A 352 -4.68 -10.01 -23.08
C HIS A 352 -3.81 -10.73 -24.09
N GLN A 353 -2.75 -10.06 -24.52
CA GLN A 353 -1.83 -10.59 -25.49
C GLN A 353 -1.02 -11.75 -24.88
N LEU A 354 -0.50 -11.52 -23.68
CA LEU A 354 0.20 -12.58 -22.93
C LEU A 354 -0.68 -13.82 -22.74
N ASN A 355 -1.89 -13.62 -22.23
CA ASN A 355 -2.77 -14.73 -21.85
C ASN A 355 -3.26 -15.53 -23.06
N TYR A 356 -3.63 -14.83 -24.13
CA TYR A 356 -4.09 -15.50 -25.33
C TYR A 356 -2.97 -16.29 -26.01
N GLY A 357 -1.80 -15.68 -26.14
CA GLY A 357 -0.67 -16.30 -26.84
C GLY A 357 -0.22 -17.59 -26.15
N MET A 358 -0.15 -17.55 -24.82
CA MET A 358 0.25 -18.72 -24.07
C MET A 358 -0.84 -19.79 -24.08
N PHE A 359 -2.10 -19.38 -23.92
CA PHE A 359 -3.19 -20.35 -24.05
C PHE A 359 -3.08 -21.16 -25.36
N GLU A 360 -2.89 -20.45 -26.47
CA GLU A 360 -2.83 -21.07 -27.80
C GLU A 360 -1.57 -21.92 -28.00
N LEU A 361 -0.42 -21.41 -27.60
CA LEU A 361 0.81 -22.22 -27.59
C LEU A 361 0.64 -23.52 -26.82
N ALA A 362 0.14 -23.40 -25.61
CA ALA A 362 0.00 -24.55 -24.72
C ALA A 362 -1.00 -25.55 -25.28
N ARG A 363 -2.09 -25.04 -25.88
CA ARG A 363 -3.06 -25.90 -26.56
C ARG A 363 -2.43 -26.68 -27.71
N GLY A 364 -1.62 -26.03 -28.53
CA GLY A 364 -0.90 -26.70 -29.62
C GLY A 364 0.13 -27.69 -29.09
N TYR A 365 0.87 -27.29 -28.05
CA TYR A 365 1.86 -28.15 -27.42
C TYR A 365 1.22 -29.42 -26.88
N LYS A 366 0.11 -29.29 -26.16
CA LYS A 366 -0.66 -30.44 -25.69
C LYS A 366 -1.06 -31.37 -26.84
N ASP A 367 -1.52 -30.78 -27.94
CA ASP A 367 -2.02 -31.54 -29.06
C ASP A 367 -0.92 -32.18 -29.90
N ARG A 368 0.14 -31.43 -30.21
CA ARG A 368 1.14 -31.88 -31.16
C ARG A 368 2.61 -31.63 -30.77
N GLN A 369 2.83 -31.35 -29.49
CA GLN A 369 4.17 -31.27 -28.90
C GLN A 369 5.10 -30.35 -29.70
N MET A 370 6.27 -30.84 -30.11
CA MET A 370 7.28 -30.01 -30.80
C MET A 370 6.84 -29.33 -32.10
N ALA A 371 5.87 -29.93 -32.80
CA ALA A 371 5.31 -29.30 -34.01
C ALA A 371 4.81 -27.89 -33.67
N ALA A 372 4.08 -27.78 -32.57
CA ALA A 372 3.52 -26.51 -32.10
C ALA A 372 4.57 -25.45 -31.80
N TYR A 373 5.67 -25.84 -31.17
CA TYR A 373 6.77 -24.92 -30.89
C TYR A 373 7.54 -24.53 -32.15
N SER A 374 7.73 -25.48 -33.06
CA SER A 374 8.44 -25.22 -34.31
C SER A 374 7.70 -24.16 -35.14
N GLU A 375 6.37 -24.19 -35.06
CA GLU A 375 5.52 -23.20 -35.73
C GLU A 375 5.78 -21.81 -35.16
N LEU A 376 5.86 -21.71 -33.83
CA LEU A 376 6.20 -20.45 -33.18
C LEU A 376 7.55 -19.96 -33.65
N GLN A 377 8.56 -20.83 -33.52
CA GLN A 377 9.91 -20.56 -33.97
C GLN A 377 9.99 -20.08 -35.43
N GLN A 378 9.26 -20.74 -36.33
CA GLN A 378 9.21 -20.32 -37.75
C GLN A 378 8.55 -18.93 -37.89
N ALA A 379 7.53 -18.66 -37.09
CA ALA A 379 6.92 -17.32 -37.08
C ALA A 379 7.93 -16.25 -36.59
N GLU A 380 8.72 -16.57 -35.58
CA GLU A 380 9.79 -15.68 -35.11
C GLU A 380 10.85 -15.36 -36.18
N PHE A 381 11.27 -16.38 -36.93
CA PHE A 381 12.23 -16.18 -38.01
C PHE A 381 11.60 -15.28 -39.07
N ALA A 382 10.37 -15.58 -39.45
CA ALA A 382 9.66 -14.80 -40.48
C ALA A 382 9.52 -13.32 -40.10
N ALA A 383 9.41 -13.05 -38.80
CA ALA A 383 9.28 -11.69 -38.27
C ALA A 383 10.58 -10.92 -38.25
N GLU A 384 11.70 -11.64 -38.34
CA GLU A 384 13.01 -11.00 -38.33
C GLU A 384 13.16 -9.94 -39.42
N ALA A 385 12.50 -10.18 -40.56
CA ALA A 385 12.51 -9.22 -41.68
C ALA A 385 11.97 -7.85 -41.25
N ASP A 386 10.96 -7.87 -40.39
CA ASP A 386 10.31 -6.66 -39.86
C ASP A 386 10.97 -6.09 -38.60
N GLY A 387 12.15 -6.56 -38.27
CA GLY A 387 12.91 -5.99 -37.13
C GLY A 387 12.83 -6.76 -35.83
N TYR A 388 12.21 -7.94 -35.86
CA TYR A 388 12.21 -8.82 -34.68
C TYR A 388 13.61 -9.40 -34.43
N THR A 389 14.03 -9.40 -33.16
CA THR A 389 15.39 -9.85 -32.79
C THR A 389 15.47 -10.95 -31.73
N ALA A 390 14.35 -11.28 -31.08
CA ALA A 390 14.36 -12.28 -29.98
C ALA A 390 14.54 -13.72 -30.47
N THR A 391 15.26 -13.85 -31.59
CA THR A 391 15.81 -15.11 -32.08
C THR A 391 17.16 -14.82 -32.75
N GLY A 400 25.93 -11.32 -26.01
CA GLY A 400 26.69 -10.41 -26.85
C GLY A 400 27.42 -9.36 -26.05
N TYR A 401 26.66 -8.63 -25.23
CA TYR A 401 27.19 -7.52 -24.43
C TYR A 401 28.22 -8.02 -23.39
N PHE A 402 27.84 -9.05 -22.63
CA PHE A 402 28.68 -9.64 -21.60
C PHE A 402 29.94 -10.30 -22.18
N ASP A 403 29.86 -10.73 -23.44
CA ASP A 403 31.04 -11.20 -24.17
C ASP A 403 32.04 -10.05 -24.33
N ALA A 404 31.55 -8.87 -24.70
CA ALA A 404 32.37 -7.68 -24.90
C ALA A 404 32.88 -7.09 -23.60
N VAL A 405 32.14 -7.34 -22.52
CA VAL A 405 32.56 -6.99 -21.16
C VAL A 405 33.73 -7.89 -20.73
N SER A 406 33.53 -9.21 -20.79
CA SER A 406 34.60 -10.18 -20.52
C SER A 406 35.90 -9.81 -21.24
N LEU A 407 35.76 -9.47 -22.53
CA LEU A 407 36.89 -9.11 -23.39
C LEU A 407 37.63 -7.91 -22.82
N ALA A 408 36.86 -6.89 -22.41
CA ALA A 408 37.40 -5.69 -21.80
C ALA A 408 38.14 -5.99 -20.48
N ILE A 409 37.61 -6.92 -19.68
CA ILE A 409 38.26 -7.33 -18.44
C ILE A 409 39.55 -8.09 -18.75
N THR A 410 39.44 -9.15 -19.54
CA THR A 410 40.60 -9.93 -19.99
C THR A 410 41.33 -9.27 -21.16
N GLY A 411 42.09 -8.23 -20.86
CA GLY A 411 42.87 -7.51 -21.86
C GLY A 411 44.28 -8.05 -21.96
N ASP B 7 -19.85 -25.87 14.17
CA ASP B 7 -20.07 -25.65 12.71
C ASP B 7 -18.84 -25.01 12.09
N PHE B 8 -18.33 -23.97 12.74
CA PHE B 8 -17.09 -23.32 12.35
C PHE B 8 -15.86 -24.06 12.89
N TYR B 9 -16.05 -24.82 13.97
CA TYR B 9 -14.96 -25.56 14.61
C TYR B 9 -14.35 -26.64 13.71
N SER B 10 -15.13 -27.15 12.75
CA SER B 10 -14.64 -28.18 11.85
C SER B 10 -13.90 -27.57 10.67
N LEU B 11 -14.17 -26.29 10.41
CA LEU B 11 -13.47 -25.54 9.38
C LEU B 11 -12.10 -25.07 9.89
N ILE B 12 -11.95 -25.08 11.20
CA ILE B 12 -10.73 -24.60 11.86
C ILE B 12 -10.25 -25.73 12.78
N PRO B 13 -9.64 -26.78 12.20
CA PRO B 13 -9.37 -28.02 12.94
C PRO B 13 -8.52 -27.84 14.21
N SER B 14 -7.58 -26.91 14.19
CA SER B 14 -6.74 -26.66 15.36
C SER B 14 -7.39 -25.78 16.46
N ALA B 15 -8.64 -25.36 16.26
CA ALA B 15 -9.30 -24.48 17.25
C ALA B 15 -9.52 -25.19 18.61
N PRO B 16 -9.03 -24.58 19.71
CA PRO B 16 -9.25 -25.16 21.03
C PRO B 16 -10.70 -25.04 21.51
N LYS B 17 -11.06 -25.82 22.52
CA LYS B 17 -12.40 -25.81 23.09
C LYS B 17 -12.76 -24.42 23.58
N GLY B 18 -13.91 -23.92 23.13
CA GLY B 18 -14.40 -22.61 23.61
C GLY B 18 -13.74 -21.42 22.94
N ARG B 19 -12.89 -21.66 21.94
CA ARG B 19 -12.21 -20.60 21.18
C ARG B 19 -13.16 -19.49 20.75
N PHE B 20 -14.36 -19.85 20.28
CA PHE B 20 -15.29 -18.86 19.74
C PHE B 20 -16.51 -18.53 20.60
N ASP B 21 -16.45 -18.86 21.89
CA ASP B 21 -17.48 -18.46 22.84
C ASP B 21 -17.68 -16.94 22.79
N GLY B 22 -18.90 -16.51 22.48
CA GLY B 22 -19.23 -15.08 22.48
C GLY B 22 -18.88 -14.30 21.22
N ILE B 23 -18.32 -14.97 20.22
CA ILE B 23 -17.95 -14.33 18.97
C ILE B 23 -19.09 -14.45 17.97
N GLU B 24 -19.43 -13.32 17.36
CA GLU B 24 -20.48 -13.26 16.33
C GLU B 24 -19.80 -13.07 14.97
N ARG B 25 -20.32 -13.78 13.97
CA ARG B 25 -19.85 -13.66 12.58
C ARG B 25 -20.99 -13.21 11.69
N ALA B 26 -20.71 -12.30 10.76
CA ALA B 26 -21.69 -11.87 9.75
C ALA B 26 -21.98 -12.98 8.73
N HIS B 27 -20.95 -13.78 8.44
CA HIS B 27 -21.00 -14.80 7.41
C HIS B 27 -21.37 -16.17 7.98
N THR B 28 -21.45 -17.14 7.09
CA THR B 28 -21.94 -18.45 7.43
C THR B 28 -20.82 -19.46 7.15
N ALA B 29 -20.94 -20.67 7.67
CA ALA B 29 -20.01 -21.77 7.37
C ALA B 29 -19.95 -22.08 5.86
N GLU B 30 -21.09 -22.00 5.18
CA GLU B 30 -21.16 -22.22 3.73
C GLU B 30 -20.38 -21.14 2.96
N ASP B 31 -20.42 -19.90 3.46
CA ASP B 31 -19.62 -18.81 2.86
C ASP B 31 -18.12 -19.15 2.90
N VAL B 32 -17.67 -19.67 4.04
CA VAL B 32 -16.28 -20.05 4.21
C VAL B 32 -15.90 -21.15 3.21
N LYS B 33 -16.71 -22.20 3.12
CA LYS B 33 -16.43 -23.30 2.20
C LYS B 33 -16.35 -22.84 0.75
N ARG B 34 -17.26 -21.95 0.35
CA ARG B 34 -17.34 -21.41 -0.99
C ARG B 34 -16.10 -20.62 -1.37
N LEU B 35 -15.53 -19.91 -0.39
CA LEU B 35 -14.39 -19.01 -0.62
C LEU B 35 -13.03 -19.69 -0.36
N ARG B 36 -13.07 -20.98 -0.06
CA ARG B 36 -11.94 -21.72 0.47
C ARG B 36 -10.99 -22.28 -0.61
N GLY B 37 -11.55 -22.62 -1.77
CA GLY B 37 -10.80 -23.41 -2.75
C GLY B 37 -11.05 -24.89 -2.48
N SER B 38 -10.41 -25.75 -3.26
CA SER B 38 -10.71 -27.19 -3.23
C SER B 38 -9.65 -27.98 -2.47
N VAL B 39 -8.61 -27.27 -2.07
CA VAL B 39 -7.39 -27.85 -1.55
C VAL B 39 -7.17 -27.29 -0.15
N GLU B 40 -6.69 -28.11 0.79
CA GLU B 40 -6.39 -27.56 2.10
C GLU B 40 -4.89 -27.28 2.26
N ILE B 41 -4.57 -26.04 2.60
CA ILE B 41 -3.21 -25.63 2.80
C ILE B 41 -3.03 -25.36 4.28
N LYS B 42 -2.03 -26.01 4.89
CA LYS B 42 -1.75 -25.79 6.31
C LYS B 42 -0.89 -24.55 6.53
N TYR B 43 -1.18 -23.86 7.62
CA TYR B 43 -0.44 -22.67 8.03
C TYR B 43 0.02 -22.92 9.47
N SER B 44 1.05 -23.74 9.57
CA SER B 44 1.55 -24.30 10.83
C SER B 44 1.94 -23.22 11.86
N LEU B 45 2.77 -22.26 11.46
CA LEU B 45 3.21 -21.19 12.38
C LEU B 45 2.05 -20.36 12.94
N ALA B 46 1.05 -20.12 12.10
CA ALA B 46 -0.13 -19.34 12.45
C ALA B 46 -1.05 -20.08 13.41
N GLU B 47 -1.23 -21.39 13.16
CA GLU B 47 -1.99 -22.26 14.05
C GLU B 47 -1.34 -22.33 15.41
N MET B 48 -0.05 -22.61 15.41
CA MET B 48 0.71 -22.81 16.65
C MET B 48 0.70 -21.53 17.47
N GLY B 49 1.02 -20.43 16.80
CA GLY B 49 1.13 -19.12 17.42
C GLY B 49 -0.19 -18.66 18.02
N ALA B 50 -1.27 -18.79 17.26
CA ALA B 50 -2.60 -18.35 17.70
C ALA B 50 -3.01 -19.18 18.91
N ASN B 51 -2.73 -20.48 18.84
CA ASN B 51 -3.07 -21.37 19.94
C ASN B 51 -2.24 -21.17 21.19
N ARG B 52 -0.95 -20.89 21.04
CA ARG B 52 -0.11 -20.53 22.18
C ARG B 52 -0.48 -19.19 22.82
N LEU B 53 -0.82 -18.22 21.99
CA LEU B 53 -1.27 -16.92 22.50
C LEU B 53 -2.60 -17.02 23.25
N TRP B 54 -3.54 -17.79 22.70
CA TRP B 54 -4.80 -18.05 23.36
C TRP B 54 -4.54 -18.71 24.72
N LYS B 55 -3.62 -19.68 24.74
CA LYS B 55 -3.26 -20.35 25.99
C LYS B 55 -2.73 -19.35 27.03
N LEU B 56 -1.71 -18.59 26.64
CA LEU B 56 -1.03 -17.64 27.51
C LEU B 56 -1.93 -16.55 28.13
N ILE B 57 -2.78 -15.93 27.31
CA ILE B 57 -3.61 -14.81 27.81
C ILE B 57 -4.72 -15.28 28.76
N HIS B 58 -4.97 -16.58 28.78
CA HIS B 58 -5.92 -17.20 29.68
C HIS B 58 -5.26 -17.80 30.90
N GLU B 59 -3.98 -18.14 30.81
CA GLU B 59 -3.27 -18.79 31.92
C GLU B 59 -2.33 -17.88 32.72
N GLU B 60 -1.77 -16.87 32.06
CA GLU B 60 -0.81 -15.98 32.72
C GLU B 60 -1.54 -14.83 33.41
N ASP B 61 -0.87 -14.16 34.35
CA ASP B 61 -1.43 -12.91 34.93
C ASP B 61 -1.59 -11.86 33.82
N PHE B 62 -0.59 -11.80 32.95
CA PHE B 62 -0.61 -10.99 31.72
C PHE B 62 0.54 -11.44 30.81
N VAL B 63 0.40 -11.14 29.51
CA VAL B 63 1.51 -11.31 28.58
C VAL B 63 2.05 -9.94 28.17
N ASN B 64 3.32 -9.68 28.45
CA ASN B 64 3.89 -8.43 27.98
C ASN B 64 4.88 -8.61 26.82
N ALA B 65 4.91 -7.61 25.95
CA ALA B 65 5.66 -7.70 24.73
C ALA B 65 6.28 -6.36 24.44
N LEU B 66 7.33 -6.39 23.60
CA LEU B 66 7.98 -5.20 23.08
C LEU B 66 7.91 -5.21 21.55
N GLY B 67 7.83 -4.01 20.96
CA GLY B 67 7.86 -3.83 19.50
C GLY B 67 9.22 -4.13 18.89
N ALA B 68 9.26 -5.13 18.00
CA ALA B 68 10.50 -5.53 17.36
C ALA B 68 10.55 -4.97 15.94
N LEU B 69 11.73 -4.51 15.57
CA LEU B 69 12.00 -3.93 14.24
C LEU B 69 12.62 -4.95 13.29
N SER B 70 13.09 -6.06 13.85
CA SER B 70 13.88 -7.01 13.07
C SER B 70 13.82 -8.40 13.71
N GLY B 71 14.26 -9.42 12.96
CA GLY B 71 14.26 -10.79 13.46
C GLY B 71 15.18 -10.96 14.66
N ASN B 72 16.35 -10.32 14.62
CA ASN B 72 17.31 -10.41 15.74
C ASN B 72 16.79 -9.82 17.05
N GLN B 73 16.18 -8.64 16.97
CA GLN B 73 15.51 -8.05 18.14
C GLN B 73 14.49 -9.01 18.72
N ALA B 74 13.59 -9.52 17.88
CA ALA B 74 12.60 -10.51 18.29
C ALA B 74 13.24 -11.73 18.98
N MET B 75 14.32 -12.21 18.39
CA MET B 75 15.06 -13.35 18.92
C MET B 75 15.62 -13.11 20.32
N GLN B 76 16.21 -11.93 20.55
CA GLN B 76 16.74 -11.56 21.85
C GLN B 76 15.63 -11.46 22.90
N MET B 77 14.47 -10.94 22.50
CA MET B 77 13.28 -10.85 23.35
C MET B 77 12.85 -12.24 23.83
N VAL B 78 12.80 -13.18 22.90
CA VAL B 78 12.46 -14.55 23.21
C VAL B 78 13.56 -15.17 24.07
N ARG B 79 14.82 -14.92 23.72
CA ARG B 79 15.92 -15.47 24.51
C ARG B 79 15.92 -14.92 25.95
N ALA B 80 15.50 -13.67 26.09
CA ALA B 80 15.39 -13.05 27.41
C ALA B 80 14.22 -13.59 28.26
N GLY B 81 13.34 -14.39 27.66
CA GLY B 81 12.21 -14.94 28.41
C GLY B 81 10.86 -14.27 28.17
N LEU B 82 10.79 -13.28 27.27
CA LEU B 82 9.48 -12.72 26.91
C LEU B 82 8.69 -13.72 26.07
N LYS B 83 7.36 -13.74 26.27
CA LYS B 83 6.51 -14.82 25.74
C LYS B 83 5.74 -14.46 24.47
N ALA B 84 5.92 -13.24 24.01
CA ALA B 84 5.27 -12.81 22.78
C ALA B 84 6.00 -11.65 22.20
N ILE B 85 5.69 -11.35 20.94
CA ILE B 85 6.36 -10.32 20.18
C ILE B 85 5.28 -9.40 19.62
N TYR B 86 5.58 -8.10 19.69
CA TYR B 86 4.71 -7.12 19.05
C TYR B 86 5.39 -6.58 17.79
N LEU B 87 4.60 -6.33 16.75
CA LEU B 87 5.12 -5.78 15.53
C LEU B 87 4.24 -4.59 15.10
N SER B 88 4.88 -3.44 14.97
CA SER B 88 4.18 -2.17 14.69
C SER B 88 4.58 -1.68 13.32
N ALA B 113 4.61 -4.19 4.32
CA ALA B 113 5.89 -4.36 5.03
C ALA B 113 5.75 -5.17 6.32
N GLY B 114 4.58 -5.10 6.95
CA GLY B 114 4.28 -5.84 8.18
C GLY B 114 4.38 -7.36 8.05
N PRO B 115 3.58 -7.97 7.15
CA PRO B 115 3.66 -9.45 6.99
C PRO B 115 5.03 -9.94 6.56
N GLU B 116 5.74 -9.12 5.79
CA GLU B 116 7.11 -9.42 5.42
C GLU B 116 8.03 -9.51 6.64
N LEU B 117 7.84 -8.61 7.60
CA LEU B 117 8.65 -8.61 8.82
C LEU B 117 8.27 -9.78 9.73
N ALA B 118 6.97 -10.08 9.81
CA ALA B 118 6.50 -11.22 10.58
C ALA B 118 7.14 -12.52 10.04
N LYS B 119 7.23 -12.60 8.71
CA LYS B 119 7.84 -13.75 8.05
C LYS B 119 9.33 -13.81 8.38
N ARG B 120 10.01 -12.67 8.30
CA ARG B 120 11.43 -12.55 8.63
C ARG B 120 11.65 -12.92 10.09
N ILE B 121 10.75 -12.48 10.96
CA ILE B 121 10.88 -12.76 12.38
C ILE B 121 10.76 -14.28 12.64
N ASN B 122 9.73 -14.90 12.09
CA ASN B 122 9.54 -16.34 12.21
C ASN B 122 10.68 -17.18 11.63
N ARG B 123 11.34 -16.67 10.58
CA ARG B 123 12.54 -17.30 10.03
C ARG B 123 13.72 -17.28 10.99
N THR B 124 14.00 -16.12 11.59
CA THR B 124 15.10 -16.07 12.53
C THR B 124 14.81 -16.82 13.83
N LEU B 125 13.54 -16.93 14.21
CA LEU B 125 13.16 -17.74 15.38
C LEU B 125 13.33 -19.23 15.07
N GLN B 126 12.88 -19.63 13.89
CA GLN B 126 13.16 -21.00 13.43
C GLN B 126 14.66 -21.35 13.41
N ARG B 127 15.48 -20.44 12.89
CA ARG B 127 16.93 -20.65 12.85
C ARG B 127 17.54 -20.77 14.23
N ALA B 128 17.05 -19.99 15.20
CA ALA B 128 17.55 -20.11 16.58
C ALA B 128 17.27 -21.48 17.17
N ASP B 129 16.06 -21.98 16.91
CA ASP B 129 15.63 -23.30 17.34
C ASP B 129 16.52 -24.38 16.67
N GLN B 130 16.72 -24.22 15.37
CA GLN B 130 17.53 -25.18 14.60
C GLN B 130 19.00 -25.16 14.99
N ILE B 131 19.54 -23.98 15.30
CA ILE B 131 20.92 -23.85 15.79
C ILE B 131 21.10 -24.67 17.06
N GLU B 132 20.20 -24.47 18.04
CA GLU B 132 20.18 -25.24 19.28
C GLU B 132 20.18 -26.75 19.05
N THR B 133 19.20 -27.23 18.30
CA THR B 133 19.05 -28.67 18.07
C THR B 133 20.23 -29.25 17.29
N ALA B 134 20.76 -28.50 16.32
CA ALA B 134 21.90 -28.98 15.52
C ALA B 134 23.21 -28.95 16.31
N GLU B 135 23.33 -28.02 17.26
CA GLU B 135 24.47 -27.96 18.17
C GLU B 135 24.41 -29.00 19.31
N GLY B 136 23.36 -29.81 19.33
CA GLY B 136 23.14 -30.84 20.35
C GLY B 136 22.59 -30.30 21.68
N LYS B 137 22.12 -29.06 21.66
CA LYS B 137 21.65 -28.37 22.86
C LYS B 137 20.15 -28.52 23.02
N GLY B 138 19.70 -28.53 24.28
CA GLY B 138 18.27 -28.55 24.53
C GLY B 138 17.62 -27.20 24.25
N LEU B 139 16.33 -27.14 24.51
CA LEU B 139 15.55 -25.96 24.21
C LEU B 139 15.60 -25.02 25.42
N SER B 140 16.18 -23.83 25.23
CA SER B 140 16.42 -22.92 26.35
C SER B 140 15.27 -21.97 26.69
N VAL B 141 14.14 -22.13 26.01
CA VAL B 141 12.99 -21.26 26.16
C VAL B 141 11.74 -22.13 26.08
N ASP B 142 10.59 -21.63 26.52
CA ASP B 142 9.31 -22.34 26.33
C ASP B 142 9.21 -22.85 24.90
N THR B 143 9.49 -21.95 23.97
CA THR B 143 9.48 -22.23 22.54
C THR B 143 10.13 -21.03 21.90
N TRP B 144 10.76 -21.24 20.76
CA TRP B 144 11.35 -20.14 20.04
C TRP B 144 10.29 -19.38 19.28
N PHE B 145 9.18 -20.06 19.00
CA PHE B 145 8.07 -19.48 18.25
C PHE B 145 7.06 -18.79 19.19
N ALA B 146 7.53 -17.77 19.90
CA ALA B 146 6.69 -16.85 20.63
C ALA B 146 5.68 -16.23 19.65
N PRO B 147 4.39 -16.17 20.04
CA PRO B 147 3.35 -15.56 19.22
C PRO B 147 3.66 -14.13 18.80
N ILE B 148 3.35 -13.81 17.54
CA ILE B 148 3.54 -12.46 17.00
C ILE B 148 2.16 -11.79 16.86
N VAL B 149 2.02 -10.61 17.44
CA VAL B 149 0.82 -9.80 17.27
C VAL B 149 1.21 -8.57 16.46
N ALA B 150 0.51 -8.37 15.34
CA ALA B 150 0.93 -7.38 14.35
C ALA B 150 -0.15 -6.35 14.00
N ASP B 151 0.32 -5.16 13.66
CA ASP B 151 -0.53 -4.06 13.22
C ASP B 151 -0.90 -4.23 11.76
N ALA B 152 -2.21 -4.32 11.49
CA ALA B 152 -2.73 -4.31 10.14
C ALA B 152 -2.89 -2.86 9.68
N GLU B 153 -1.97 -2.39 8.86
CA GLU B 153 -1.97 -1.00 8.45
C GLU B 153 -2.60 -0.79 7.07
N GLY B 157 -7.69 1.42 3.37
CA GLY B 157 -8.69 0.65 2.63
C GLY B 157 -9.83 0.19 3.51
N ASP B 158 -10.85 -0.40 2.89
CA ASP B 158 -12.00 -0.92 3.63
C ASP B 158 -11.88 -2.41 3.95
N PRO B 159 -13.00 -3.14 3.91
CA PRO B 159 -13.06 -4.54 4.35
C PRO B 159 -12.26 -5.54 3.47
N LEU B 160 -12.16 -5.32 2.16
CA LEU B 160 -11.36 -6.23 1.31
C LEU B 160 -9.86 -6.14 1.59
N ASP B 161 -9.41 -4.95 1.97
CA ASP B 161 -8.06 -4.71 2.46
C ASP B 161 -7.79 -5.51 3.75
N ALA B 162 -8.71 -5.41 4.71
CA ALA B 162 -8.60 -6.13 5.97
C ALA B 162 -8.53 -7.64 5.70
N PHE B 163 -9.42 -8.11 4.85
CA PHE B 163 -9.44 -9.49 4.43
C PHE B 163 -8.05 -9.94 3.93
N GLU B 164 -7.53 -9.25 2.92
CA GLU B 164 -6.25 -9.58 2.28
C GLU B 164 -5.04 -9.49 3.20
N ILE B 165 -5.04 -8.50 4.07
CA ILE B 165 -3.96 -8.31 5.05
C ILE B 165 -3.95 -9.44 6.09
N MET B 166 -5.13 -9.85 6.55
CA MET B 166 -5.27 -10.92 7.52
C MET B 166 -4.65 -12.19 6.92
N LYS B 167 -5.04 -12.51 5.70
CA LYS B 167 -4.47 -13.63 4.96
C LYS B 167 -2.95 -13.60 4.88
N ALA B 168 -2.41 -12.44 4.50
CA ALA B 168 -0.98 -12.22 4.39
C ALA B 168 -0.29 -12.54 5.71
N TYR B 169 -0.82 -11.99 6.81
CA TYR B 169 -0.28 -12.26 8.15
C TYR B 169 -0.40 -13.73 8.56
N ILE B 170 -1.49 -14.39 8.19
CA ILE B 170 -1.64 -15.83 8.48
C ILE B 170 -0.57 -16.64 7.73
N GLU B 171 -0.36 -16.31 6.44
CA GLU B 171 0.73 -16.90 5.64
C GLU B 171 2.11 -16.66 6.28
N ALA B 172 2.32 -15.44 6.76
CA ALA B 172 3.57 -15.07 7.41
C ALA B 172 3.78 -15.79 8.75
N GLY B 173 2.72 -16.34 9.33
CA GLY B 173 2.78 -16.99 10.64
C GLY B 173 2.52 -16.12 11.87
N ALA B 174 1.80 -15.02 11.70
CA ALA B 174 1.32 -14.21 12.85
C ALA B 174 0.27 -14.92 13.68
N ALA B 175 0.30 -14.67 15.01
CA ALA B 175 -0.63 -15.26 15.96
C ALA B 175 -1.90 -14.40 16.13
N GLY B 176 -1.73 -13.09 16.01
CA GLY B 176 -2.83 -12.16 16.23
C GLY B 176 -2.60 -10.92 15.43
N VAL B 177 -3.69 -10.25 15.05
CA VAL B 177 -3.62 -9.06 14.19
C VAL B 177 -4.59 -7.98 14.71
N HIS B 178 -4.12 -6.75 14.84
CA HIS B 178 -4.98 -5.65 15.29
C HIS B 178 -5.45 -4.70 14.18
N PHE B 179 -6.72 -4.30 14.29
CA PHE B 179 -7.36 -3.43 13.33
C PHE B 179 -7.91 -2.21 14.07
N GLU B 180 -7.51 -1.03 13.60
CA GLU B 180 -7.84 0.22 14.27
C GLU B 180 -8.93 0.99 13.49
N ASP B 181 -9.74 1.74 14.21
CA ASP B 181 -10.88 2.45 13.60
C ASP B 181 -10.55 3.88 13.16
N GLN B 182 -9.29 4.11 12.79
CA GLN B 182 -8.88 5.36 12.19
C GLN B 182 -8.50 5.16 10.73
N LEU B 183 -8.62 6.23 9.96
CA LEU B 183 -8.37 6.21 8.52
C LEU B 183 -6.91 6.54 8.24
N ALA B 184 -6.14 5.51 7.91
CA ALA B 184 -4.73 5.62 7.45
C ALA B 184 -3.94 6.80 7.99
N GLY B 193 -7.24 18.97 12.60
CA GLY B 193 -6.05 18.12 12.47
C GLY B 193 -6.13 16.87 13.33
N GLY B 194 -5.14 15.99 13.16
CA GLY B 194 -5.05 14.74 13.92
C GLY B 194 -5.63 13.56 13.17
N LYS B 195 -5.89 12.48 13.92
CA LYS B 195 -6.45 11.23 13.38
C LYS B 195 -7.91 11.39 13.00
N VAL B 196 -8.33 10.65 11.98
CA VAL B 196 -9.72 10.64 11.52
C VAL B 196 -10.34 9.26 11.76
N LEU B 197 -11.41 9.23 12.55
CA LEU B 197 -12.13 8.00 12.82
C LEU B 197 -13.04 7.67 11.67
N ILE B 198 -13.35 6.39 11.57
CA ILE B 198 -14.37 5.90 10.67
C ILE B 198 -15.60 5.48 11.49
N PRO B 199 -16.79 5.40 10.84
CA PRO B 199 -17.98 5.00 11.56
C PRO B 199 -17.86 3.64 12.22
N THR B 200 -18.59 3.48 13.32
CA THR B 200 -18.56 2.23 14.07
C THR B 200 -18.87 1.04 13.15
N ALA B 201 -19.93 1.18 12.34
CA ALA B 201 -20.34 0.12 11.40
C ALA B 201 -19.25 -0.27 10.43
N ALA B 202 -18.49 0.72 9.96
CA ALA B 202 -17.42 0.46 9.00
C ALA B 202 -16.27 -0.31 9.64
N HIS B 203 -15.94 0.01 10.89
CA HIS B 203 -14.91 -0.80 11.57
C HIS B 203 -15.36 -2.23 11.82
N ILE B 204 -16.63 -2.37 12.17
CA ILE B 204 -17.21 -3.68 12.41
C ILE B 204 -17.17 -4.58 11.16
N ARG B 205 -17.43 -3.98 9.99
CA ARG B 205 -17.22 -4.63 8.69
C ARG B 205 -15.78 -5.12 8.51
N ASN B 206 -14.81 -4.31 8.91
CA ASN B 206 -13.39 -4.64 8.82
C ASN B 206 -13.02 -5.80 9.74
N LEU B 207 -13.54 -5.77 10.95
CA LEU B 207 -13.34 -6.86 11.92
C LEU B 207 -13.93 -8.16 11.38
N ASN B 208 -15.14 -8.05 10.83
CA ASN B 208 -15.80 -9.18 10.21
C ASN B 208 -14.99 -9.73 9.02
N ALA B 209 -14.40 -8.82 8.24
CA ALA B 209 -13.61 -9.21 7.07
C ALA B 209 -12.38 -10.00 7.48
N ALA B 210 -11.75 -9.60 8.58
CA ALA B 210 -10.58 -10.31 9.14
C ALA B 210 -10.92 -11.70 9.70
N ARG B 211 -12.08 -11.82 10.35
CA ARG B 211 -12.54 -13.13 10.81
C ARG B 211 -12.83 -14.05 9.65
N LEU B 212 -13.45 -13.51 8.59
CA LEU B 212 -13.73 -14.30 7.41
C LEU B 212 -12.42 -14.80 6.76
N ALA B 213 -11.43 -13.93 6.65
CA ALA B 213 -10.11 -14.32 6.17
C ALA B 213 -9.49 -15.43 7.04
N ALA B 214 -9.56 -15.30 8.36
CA ALA B 214 -9.06 -16.36 9.27
C ALA B 214 -9.82 -17.67 9.08
N ASP B 215 -11.14 -17.55 8.91
CA ASP B 215 -11.99 -18.71 8.70
C ASP B 215 -11.63 -19.43 7.39
N VAL B 216 -11.43 -18.65 6.32
CA VAL B 216 -11.08 -19.24 5.01
C VAL B 216 -9.67 -19.88 4.98
N MET B 217 -8.71 -19.27 5.68
CA MET B 217 -7.38 -19.84 5.86
C MET B 217 -7.38 -21.06 6.78
N GLY B 218 -8.35 -21.13 7.69
CA GLY B 218 -8.56 -22.27 8.55
C GLY B 218 -7.82 -22.19 9.86
N THR B 219 -7.47 -20.97 10.26
CA THR B 219 -6.69 -20.72 11.47
C THR B 219 -7.47 -19.91 12.52
N PRO B 220 -7.30 -20.26 13.82
CA PRO B 220 -7.93 -19.55 14.95
C PRO B 220 -7.21 -18.25 15.31
N THR B 221 -6.75 -17.53 14.30
CA THR B 221 -5.95 -16.31 14.47
C THR B 221 -6.68 -15.29 15.38
N LEU B 222 -5.95 -14.68 16.32
CA LEU B 222 -6.55 -13.71 17.24
C LEU B 222 -6.80 -12.38 16.53
N ILE B 223 -7.95 -11.78 16.81
CA ILE B 223 -8.30 -10.45 16.29
C ILE B 223 -8.41 -9.44 17.44
N VAL B 224 -7.67 -8.34 17.31
CA VAL B 224 -7.70 -7.28 18.30
C VAL B 224 -8.38 -6.07 17.70
N ALA B 225 -9.44 -5.59 18.33
CA ALA B 225 -10.02 -4.34 17.86
C ALA B 225 -9.43 -3.17 18.66
N ARG B 226 -8.84 -2.23 17.94
CA ARG B 226 -8.37 -0.99 18.56
C ARG B 226 -9.29 0.20 18.26
N THR B 227 -9.65 0.97 19.29
CA THR B 227 -10.27 2.30 19.10
C THR B 227 -9.28 3.47 19.32
N ASP B 228 -9.32 4.42 18.38
CA ASP B 228 -8.50 5.63 18.42
C ASP B 228 -9.23 6.87 18.91
N ALA B 229 -10.38 6.65 19.53
CA ALA B 229 -11.32 7.70 19.90
C ALA B 229 -10.94 8.56 21.12
N GLU B 230 -9.89 8.17 21.84
CA GLU B 230 -9.43 8.99 22.97
C GLU B 230 -8.82 10.33 22.54
N ALA B 231 -8.04 10.30 21.45
CA ALA B 231 -7.36 11.49 20.96
C ALA B 231 -7.87 11.98 19.60
N ALA B 232 -8.59 11.14 18.86
CA ALA B 232 -9.08 11.52 17.52
C ALA B 232 -10.12 12.66 17.61
N LYS B 233 -9.94 13.70 16.80
CA LYS B 233 -10.83 14.87 16.80
C LYS B 233 -11.71 14.94 15.54
N LEU B 234 -11.51 13.99 14.64
CA LEU B 234 -12.17 14.00 13.34
C LEU B 234 -12.81 12.68 13.06
N LEU B 235 -13.83 12.72 12.20
CA LEU B 235 -14.58 11.54 11.81
C LEU B 235 -15.06 11.70 10.37
N THR B 236 -14.91 10.66 9.57
CA THR B 236 -15.26 10.76 8.15
C THR B 236 -16.75 11.09 7.90
N SER B 237 -17.64 10.44 8.65
CA SER B 237 -19.10 10.56 8.46
C SER B 237 -19.85 10.31 9.75
N ASP B 238 -20.97 11.02 9.97
CA ASP B 238 -21.79 10.85 11.17
C ASP B 238 -22.97 9.91 10.89
N ILE B 239 -22.85 9.11 9.83
CA ILE B 239 -23.95 8.28 9.38
C ILE B 239 -24.45 7.29 10.43
N ASP B 240 -23.52 6.74 11.22
CA ASP B 240 -23.89 5.77 12.27
C ASP B 240 -24.43 6.52 13.50
N GLU B 241 -25.68 6.23 13.86
CA GLU B 241 -26.33 6.80 15.06
C GLU B 241 -25.59 6.54 16.37
N ARG B 242 -24.80 5.45 16.42
CA ARG B 242 -23.95 5.21 17.59
C ARG B 242 -22.85 6.26 17.74
N ASP B 243 -22.49 6.90 16.64
CA ASP B 243 -21.42 7.89 16.65
C ASP B 243 -21.89 9.31 16.87
N GLN B 244 -23.15 9.58 16.56
CA GLN B 244 -23.69 10.93 16.56
C GLN B 244 -23.68 11.60 17.94
N PRO B 245 -23.87 10.84 19.05
CA PRO B 245 -23.66 11.36 20.41
C PRO B 245 -22.32 12.04 20.71
N PHE B 246 -21.27 11.70 19.97
CA PHE B 246 -19.95 12.23 20.25
C PHE B 246 -19.51 13.23 19.20
N VAL B 247 -20.42 13.57 18.30
CA VAL B 247 -20.08 14.57 17.27
C VAL B 247 -20.25 15.97 17.81
N ASP B 248 -19.21 16.79 17.60
CA ASP B 248 -19.25 18.19 17.94
C ASP B 248 -19.85 18.96 16.77
N TYR B 249 -21.17 18.87 16.63
CA TYR B 249 -21.86 19.53 15.53
C TYR B 249 -21.59 21.03 15.44
N GLU B 250 -21.42 21.70 16.57
CA GLU B 250 -21.18 23.14 16.63
C GLU B 250 -19.85 23.59 16.01
N ALA B 251 -18.87 22.68 15.92
CA ALA B 251 -17.61 22.99 15.26
C ALA B 251 -17.78 23.04 13.73
N GLY B 252 -18.85 22.41 13.25
CA GLY B 252 -19.08 22.29 11.81
C GLY B 252 -18.11 21.31 11.17
N ARG B 253 -18.21 21.18 9.86
CA ARG B 253 -17.31 20.32 9.09
C ARG B 253 -16.01 21.04 8.78
N THR B 254 -14.91 20.29 8.73
CA THR B 254 -13.63 20.86 8.31
C THR B 254 -13.75 21.21 6.82
N ALA B 255 -12.82 22.03 6.34
CA ALA B 255 -12.72 22.36 4.90
C ALA B 255 -12.68 21.12 3.99
N GLU B 256 -12.26 19.99 4.52
CA GLU B 256 -12.25 18.73 3.76
C GLU B 256 -13.50 17.88 3.89
N GLY B 257 -14.43 18.29 4.75
CA GLY B 257 -15.72 17.64 4.83
C GLY B 257 -15.85 16.70 6.00
N PHE B 258 -14.81 16.60 6.82
CA PHE B 258 -14.87 15.70 7.99
C PHE B 258 -15.70 16.33 9.12
N TYR B 259 -16.31 15.46 9.92
CA TYR B 259 -16.98 15.88 11.12
C TYR B 259 -15.96 16.00 12.25
N GLN B 260 -16.27 16.84 13.23
CA GLN B 260 -15.41 17.06 14.36
C GLN B 260 -16.06 16.30 15.49
N VAL B 261 -15.26 15.70 16.36
CA VAL B 261 -15.79 14.82 17.42
C VAL B 261 -15.25 15.21 18.80
N LYS B 262 -16.02 14.94 19.85
CA LYS B 262 -15.55 15.15 21.20
C LYS B 262 -14.86 13.86 21.65
N ASN B 263 -13.55 13.94 21.77
CA ASN B 263 -12.73 12.78 22.11
C ASN B 263 -12.70 12.48 23.60
N GLY B 264 -12.18 11.31 23.96
CA GLY B 264 -12.00 10.91 25.35
C GLY B 264 -12.42 9.48 25.56
N ILE B 265 -12.54 9.11 26.84
CA ILE B 265 -12.83 7.74 27.27
C ILE B 265 -14.23 7.33 26.85
N GLU B 266 -15.18 8.28 26.93
CA GLU B 266 -16.57 7.98 26.66
C GLU B 266 -16.84 7.37 25.27
N PRO B 267 -16.36 8.01 24.17
CA PRO B 267 -16.57 7.34 22.87
C PRO B 267 -15.76 6.05 22.69
N CYS B 268 -14.65 5.96 23.41
CA CYS B 268 -13.86 4.74 23.43
C CYS B 268 -14.67 3.60 24.02
N ILE B 269 -15.40 3.87 25.11
CA ILE B 269 -16.20 2.85 25.79
C ILE B 269 -17.32 2.36 24.87
N ALA B 270 -18.07 3.29 24.29
CA ALA B 270 -19.13 2.95 23.34
C ALA B 270 -18.62 2.07 22.19
N ARG B 271 -17.56 2.52 21.53
CA ARG B 271 -16.97 1.80 20.40
C ARG B 271 -16.47 0.42 20.78
N ALA B 272 -15.75 0.35 21.89
CA ALA B 272 -15.27 -0.93 22.41
C ALA B 272 -16.41 -1.92 22.63
N ILE B 273 -17.49 -1.42 23.23
CA ILE B 273 -18.67 -2.23 23.47
C ILE B 273 -19.31 -2.74 22.17
N ALA B 274 -19.43 -1.85 21.17
CA ALA B 274 -19.91 -2.22 19.84
C ALA B 274 -19.00 -3.25 19.12
N TYR B 275 -17.68 -3.11 19.29
CA TYR B 275 -16.72 -4.02 18.63
C TYR B 275 -16.57 -5.40 19.30
N ALA B 276 -16.86 -5.45 20.61
CA ALA B 276 -16.60 -6.65 21.44
C ALA B 276 -16.97 -8.00 20.81
N PRO B 277 -18.21 -8.12 20.27
CA PRO B 277 -18.63 -9.40 19.67
C PRO B 277 -17.84 -9.81 18.41
N TYR B 278 -17.05 -8.87 17.87
CA TYR B 278 -16.36 -9.06 16.58
C TYR B 278 -14.84 -9.14 16.72
N CYS B 279 -14.37 -9.29 17.96
CA CYS B 279 -12.94 -9.44 18.17
C CYS B 279 -12.67 -10.33 19.37
N ASP B 280 -11.39 -10.63 19.60
CA ASP B 280 -10.96 -11.45 20.72
C ASP B 280 -10.42 -10.56 21.84
N LEU B 281 -9.75 -9.48 21.46
CA LEU B 281 -9.30 -8.46 22.43
C LEU B 281 -9.65 -7.07 22.02
N ILE B 282 -9.93 -6.24 23.02
CA ILE B 282 -10.32 -4.85 22.79
C ILE B 282 -9.21 -3.99 23.34
N TRP B 283 -8.84 -3.00 22.56
CA TRP B 283 -7.73 -2.13 22.85
C TRP B 283 -8.15 -0.67 22.66
N MET B 284 -7.90 0.12 23.69
CA MET B 284 -8.12 1.55 23.65
C MET B 284 -6.76 2.21 23.56
N GLU B 285 -6.48 2.85 22.42
CA GLU B 285 -5.24 3.55 22.25
C GLU B 285 -5.19 4.73 23.21
N THR B 286 -4.10 4.83 23.95
CA THR B 286 -3.96 5.92 24.90
C THR B 286 -2.56 6.51 24.83
N SER B 287 -2.48 7.83 24.87
CA SER B 287 -1.19 8.50 24.98
C SER B 287 -0.94 9.01 26.40
N LYS B 288 -1.94 8.86 27.28
CA LYS B 288 -1.77 9.18 28.70
C LYS B 288 -2.09 7.97 29.59
N PRO B 289 -1.07 7.13 29.85
CA PRO B 289 -1.21 6.03 30.80
C PRO B 289 -1.64 6.48 32.19
N ASP B 290 -2.68 5.84 32.70
CA ASP B 290 -3.33 6.20 33.98
C ASP B 290 -4.12 4.98 34.41
N LEU B 291 -3.81 4.46 35.60
CA LEU B 291 -4.45 3.23 36.09
C LEU B 291 -5.95 3.40 36.31
N ALA B 292 -6.31 4.56 36.87
CA ALA B 292 -7.71 4.87 37.17
C ALA B 292 -8.54 4.90 35.89
N GLN B 293 -7.98 5.49 34.84
CA GLN B 293 -8.69 5.54 33.54
C GLN B 293 -8.74 4.17 32.88
N ALA B 294 -7.66 3.41 33.00
CA ALA B 294 -7.62 2.04 32.50
C ALA B 294 -8.69 1.19 33.17
N ARG B 295 -8.83 1.42 34.49
CA ARG B 295 -9.83 0.73 35.31
C ARG B 295 -11.24 1.14 34.89
N ARG B 296 -11.47 2.44 34.76
CA ARG B 296 -12.75 2.97 34.28
C ARG B 296 -13.17 2.30 32.94
N PHE B 297 -12.24 2.24 31.98
CA PHE B 297 -12.49 1.60 30.69
C PHE B 297 -12.81 0.13 30.86
N ALA B 298 -11.98 -0.57 31.64
CA ALA B 298 -12.14 -2.00 31.79
C ALA B 298 -13.50 -2.35 32.41
N GLU B 299 -13.83 -1.68 33.52
CA GLU B 299 -15.09 -1.93 34.23
C GLU B 299 -16.29 -1.65 33.33
N ALA B 300 -16.22 -0.57 32.55
CA ALA B 300 -17.31 -0.21 31.62
C ALA B 300 -17.52 -1.27 30.54
N VAL B 301 -16.43 -1.75 29.97
CA VAL B 301 -16.49 -2.83 28.98
C VAL B 301 -17.03 -4.11 29.60
N HIS B 302 -16.57 -4.43 30.80
CA HIS B 302 -17.00 -5.64 31.51
C HIS B 302 -18.46 -5.66 31.96
N LYS B 303 -19.07 -4.49 32.14
CA LYS B 303 -20.50 -4.40 32.40
C LYS B 303 -21.29 -5.03 31.26
N ALA B 304 -20.88 -4.71 30.03
CA ALA B 304 -21.57 -5.18 28.84
C ALA B 304 -21.12 -6.56 28.41
N HIS B 305 -19.83 -6.86 28.60
CA HIS B 305 -19.21 -8.10 28.14
C HIS B 305 -18.26 -8.64 29.22
N PRO B 306 -18.83 -9.30 30.25
CA PRO B 306 -18.10 -9.82 31.40
C PRO B 306 -16.92 -10.72 31.02
N GLY B 307 -15.77 -10.49 31.64
CA GLY B 307 -14.57 -11.30 31.38
C GLY B 307 -13.84 -11.00 30.07
N LYS B 308 -14.30 -9.99 29.33
CA LYS B 308 -13.68 -9.70 28.01
C LYS B 308 -12.21 -9.40 28.15
N LEU B 309 -11.40 -10.05 27.31
CA LEU B 309 -9.98 -9.83 27.35
C LEU B 309 -9.60 -8.50 26.70
N LEU B 310 -8.64 -7.82 27.33
CA LEU B 310 -8.21 -6.49 26.89
C LEU B 310 -6.72 -6.44 26.54
N ALA B 311 -6.39 -5.51 25.63
CA ALA B 311 -5.01 -5.22 25.30
C ALA B 311 -4.69 -3.79 25.69
N TYR B 312 -3.43 -3.53 26.00
CA TYR B 312 -3.01 -2.22 26.43
C TYR B 312 -1.64 -1.85 25.92
N ASN B 313 -1.52 -0.67 25.31
CA ASN B 313 -0.25 -0.13 24.89
C ASN B 313 0.24 0.86 25.94
N CYS B 314 1.44 0.61 26.44
CA CYS B 314 2.09 1.47 27.42
C CYS B 314 2.95 2.42 26.64
N SER B 315 2.51 3.68 26.58
CA SER B 315 3.08 4.64 25.63
C SER B 315 4.56 4.94 25.83
N PRO B 316 5.33 4.83 24.74
CA PRO B 316 6.76 5.12 24.76
C PRO B 316 7.04 6.62 24.73
N SER B 317 6.04 7.43 24.35
CA SER B 317 6.19 8.88 24.31
C SER B 317 5.86 9.55 25.65
N PHE B 318 4.98 8.94 26.42
CA PHE B 318 4.63 9.41 27.75
C PHE B 318 5.88 9.47 28.65
N ASN B 319 6.02 10.56 29.40
CA ASN B 319 7.14 10.71 30.34
C ASN B 319 6.85 10.05 31.70
N TRP B 320 7.22 8.78 31.80
CA TRP B 320 6.90 7.93 32.95
C TRP B 320 7.40 8.49 34.28
N LYS B 321 8.70 8.78 34.35
CA LYS B 321 9.36 9.19 35.60
C LYS B 321 8.86 10.54 36.12
N LYS B 322 8.51 11.42 35.18
CA LYS B 322 8.03 12.75 35.52
C LYS B 322 6.62 12.73 36.10
N ASN B 323 5.79 11.82 35.59
CA ASN B 323 4.38 11.79 35.91
C ASN B 323 3.97 10.77 36.96
N LEU B 324 4.75 9.70 37.10
CA LEU B 324 4.42 8.61 38.00
C LEU B 324 5.59 8.38 38.94
N ASP B 325 5.28 8.02 40.18
CA ASP B 325 6.35 7.73 41.16
C ASP B 325 6.85 6.32 40.90
N ASP B 326 7.99 5.98 41.48
CA ASP B 326 8.68 4.72 41.18
C ASP B 326 7.79 3.50 41.42
N ALA B 327 7.05 3.53 42.52
CA ALA B 327 6.19 2.43 42.92
C ALA B 327 5.04 2.23 41.96
N THR B 328 4.48 3.31 41.44
CA THR B 328 3.43 3.21 40.42
C THR B 328 3.97 2.63 39.11
N ILE B 329 5.11 3.14 38.63
CA ILE B 329 5.80 2.59 37.45
C ILE B 329 6.03 1.09 37.59
N ALA B 330 6.52 0.68 38.77
CA ALA B 330 6.88 -0.70 39.04
C ALA B 330 5.70 -1.65 39.03
N LYS B 331 4.54 -1.19 39.53
CA LYS B 331 3.34 -2.06 39.59
C LYS B 331 2.43 -1.94 38.36
N PHE B 332 2.73 -1.00 37.48
CA PHE B 332 1.78 -0.59 36.45
C PHE B 332 1.20 -1.78 35.64
N GLN B 333 2.06 -2.62 35.10
CA GLN B 333 1.60 -3.72 34.25
C GLN B 333 0.89 -4.81 35.05
N ARG B 334 1.43 -5.11 36.22
CA ARG B 334 0.79 -6.05 37.15
C ARG B 334 -0.63 -5.64 37.43
N GLU B 335 -0.84 -4.36 37.75
CA GLU B 335 -2.18 -3.89 38.11
C GLU B 335 -3.12 -3.88 36.89
N LEU B 336 -2.62 -3.42 35.75
CA LEU B 336 -3.37 -3.55 34.49
C LEU B 336 -3.78 -5.01 34.18
N GLY B 337 -2.84 -5.93 34.38
CA GLY B 337 -3.12 -7.34 34.15
C GLY B 337 -4.32 -7.84 34.92
N ALA B 338 -4.43 -7.40 36.18
CA ALA B 338 -5.51 -7.84 37.04
C ALA B 338 -6.85 -7.27 36.58
N MET B 339 -6.83 -6.14 35.89
CA MET B 339 -8.05 -5.53 35.35
C MET B 339 -8.59 -6.27 34.13
N GLY B 340 -7.79 -7.19 33.57
CA GLY B 340 -8.18 -7.88 32.34
C GLY B 340 -7.36 -7.50 31.12
N TYR B 341 -6.37 -6.63 31.30
CA TYR B 341 -5.41 -6.33 30.23
C TYR B 341 -4.33 -7.42 30.14
N LYS B 342 -4.67 -8.48 29.41
CA LYS B 342 -3.86 -9.71 29.37
C LYS B 342 -2.77 -9.70 28.32
N PHE B 343 -2.85 -8.76 27.39
CA PHE B 343 -1.79 -8.53 26.44
C PHE B 343 -1.38 -7.07 26.49
N GLN B 344 -0.15 -6.85 26.95
CA GLN B 344 0.38 -5.50 27.10
C GLN B 344 1.63 -5.34 26.30
N PHE B 345 1.91 -4.14 25.83
CA PHE B 345 3.06 -3.93 24.96
C PHE B 345 3.52 -2.49 24.94
N ILE B 346 4.78 -2.31 24.54
CA ILE B 346 5.33 -1.01 24.20
C ILE B 346 5.62 -1.01 22.71
N THR B 347 4.78 -0.33 21.93
CA THR B 347 4.90 -0.29 20.46
C THR B 347 6.26 0.02 19.85
N LEU B 348 6.92 1.07 20.33
CA LEU B 348 8.18 1.44 19.62
C LEU B 348 9.44 1.18 20.45
N ALA B 349 9.34 0.20 21.33
CA ALA B 349 10.45 -0.16 22.22
C ALA B 349 11.74 -0.44 21.43
N GLY B 350 11.64 -1.37 20.47
CA GLY B 350 12.77 -1.70 19.60
C GLY B 350 13.40 -0.51 18.90
N PHE B 351 12.55 0.41 18.42
CA PHE B 351 12.99 1.65 17.77
C PHE B 351 13.82 2.50 18.74
N HIS B 352 13.30 2.73 19.93
CA HIS B 352 14.00 3.54 20.91
C HIS B 352 15.31 2.90 21.37
N GLN B 353 15.27 1.59 21.59
CA GLN B 353 16.45 0.83 22.02
C GLN B 353 17.57 0.91 20.96
N LEU B 354 17.20 0.62 19.71
CA LEU B 354 18.13 0.66 18.58
C LEU B 354 18.78 2.03 18.39
N ASN B 355 17.94 3.06 18.30
CA ASN B 355 18.42 4.42 18.04
C ASN B 355 19.26 4.95 19.19
N TYR B 356 18.82 4.74 20.42
CA TYR B 356 19.59 5.18 21.55
C TYR B 356 20.92 4.40 21.68
N GLY B 357 20.85 3.08 21.53
CA GLY B 357 22.05 2.25 21.63
C GLY B 357 23.12 2.68 20.63
N MET B 358 22.72 2.90 19.38
CA MET B 358 23.68 3.22 18.35
C MET B 358 24.22 4.65 18.50
N PHE B 359 23.38 5.58 18.94
CA PHE B 359 23.84 6.94 19.16
C PHE B 359 24.96 6.94 20.21
N GLU B 360 24.70 6.33 21.36
CA GLU B 360 25.71 6.28 22.42
C GLU B 360 26.98 5.57 21.95
N LEU B 361 26.81 4.45 21.24
CA LEU B 361 27.97 3.70 20.73
C LEU B 361 28.80 4.57 19.82
N ALA B 362 28.14 5.19 18.83
CA ALA B 362 28.82 6.01 17.86
C ALA B 362 29.49 7.25 18.48
N ARG B 363 28.90 7.80 19.54
CA ARG B 363 29.45 8.97 20.25
C ARG B 363 30.75 8.65 20.94
N GLY B 364 30.77 7.54 21.69
CA GLY B 364 31.99 7.12 22.39
C GLY B 364 33.08 6.74 21.43
N TYR B 365 32.66 6.05 20.37
CA TYR B 365 33.57 5.63 19.31
C TYR B 365 34.21 6.83 18.64
N LYS B 366 33.41 7.86 18.38
CA LYS B 366 33.94 9.12 17.82
C LYS B 366 35.09 9.65 18.70
N ASP B 367 34.83 9.72 20.00
CA ASP B 367 35.72 10.41 20.92
C ASP B 367 36.83 9.51 21.52
N ARG B 368 36.54 8.21 21.66
CA ARG B 368 37.47 7.28 22.36
C ARG B 368 37.78 6.02 21.55
N GLN B 369 37.25 5.97 20.34
CA GLN B 369 37.50 4.87 19.40
C GLN B 369 37.31 3.47 20.01
N MET B 370 38.36 2.63 20.03
CA MET B 370 38.21 1.25 20.50
C MET B 370 37.82 1.05 21.97
N ALA B 371 38.17 2.01 22.84
CA ALA B 371 37.70 2.00 24.24
C ALA B 371 36.19 1.88 24.38
N ALA B 372 35.46 2.65 23.56
CA ALA B 372 34.02 2.53 23.46
C ALA B 372 33.53 1.14 23.07
N TYR B 373 34.10 0.55 22.02
CA TYR B 373 33.66 -0.80 21.63
C TYR B 373 33.98 -1.85 22.69
N SER B 374 35.17 -1.72 23.29
CA SER B 374 35.59 -2.61 24.38
C SER B 374 34.61 -2.58 25.55
N GLU B 375 34.05 -1.41 25.86
CA GLU B 375 33.03 -1.32 26.91
C GLU B 375 31.78 -2.14 26.56
N LEU B 376 31.33 -2.04 25.30
CA LEU B 376 30.20 -2.85 24.83
C LEU B 376 30.52 -4.35 24.95
N GLN B 377 31.68 -4.73 24.44
CA GLN B 377 32.09 -6.11 24.44
C GLN B 377 32.11 -6.72 25.84
N GLN B 378 32.63 -5.95 26.80
CA GLN B 378 32.74 -6.41 28.18
C GLN B 378 31.36 -6.57 28.80
N ALA B 379 30.44 -5.71 28.38
CA ALA B 379 29.06 -5.77 28.85
C ALA B 379 28.39 -7.02 28.28
N GLU B 380 28.64 -7.28 27.00
CA GLU B 380 28.15 -8.51 26.36
C GLU B 380 28.66 -9.75 27.13
N PHE B 381 29.94 -9.74 27.47
CA PHE B 381 30.56 -10.84 28.24
C PHE B 381 29.91 -11.03 29.59
N ALA B 382 29.66 -9.92 30.29
CA ALA B 382 28.99 -9.97 31.60
C ALA B 382 27.57 -10.54 31.50
N ALA B 383 26.91 -10.36 30.36
CA ALA B 383 25.52 -10.81 30.19
C ALA B 383 25.40 -12.30 29.88
N GLU B 384 26.49 -12.95 29.51
CA GLU B 384 26.43 -14.37 29.14
C GLU B 384 25.91 -15.25 30.28
N ALA B 385 26.22 -14.85 31.52
CA ALA B 385 25.65 -15.51 32.70
C ALA B 385 24.12 -15.41 32.72
N ASP B 386 23.59 -14.26 32.28
CA ASP B 386 22.14 -14.03 32.22
C ASP B 386 21.42 -14.83 31.11
N GLY B 387 22.17 -15.34 30.14
CA GLY B 387 21.58 -16.10 29.05
C GLY B 387 21.87 -15.53 27.67
N TYR B 388 22.68 -14.48 27.62
CA TYR B 388 23.11 -13.90 26.35
C TYR B 388 24.05 -14.86 25.63
N THR B 389 23.83 -15.08 24.34
CA THR B 389 24.59 -16.12 23.62
C THR B 389 25.29 -15.61 22.36
N ALA B 390 24.97 -14.38 21.95
CA ALA B 390 25.49 -13.79 20.70
C ALA B 390 27.02 -13.75 20.64
N THR B 391 27.66 -13.61 21.80
CA THR B 391 29.11 -13.65 21.90
C THR B 391 29.63 -15.09 22.09
N LYS B 392 28.86 -15.91 22.81
CA LYS B 392 29.21 -17.32 23.06
C LYS B 392 28.68 -18.25 21.94
N GLY B 400 28.09 -23.08 12.97
CA GLY B 400 27.61 -24.12 13.87
C GLY B 400 26.50 -24.94 13.23
N TYR B 401 25.47 -24.24 12.74
CA TYR B 401 24.41 -24.89 11.97
C TYR B 401 24.97 -25.37 10.64
N PHE B 402 25.64 -24.47 9.92
CA PHE B 402 26.23 -24.79 8.63
C PHE B 402 27.48 -25.70 8.76
N ASP B 403 27.89 -25.97 9.99
CA ASP B 403 28.87 -27.01 10.26
C ASP B 403 28.18 -28.36 10.32
N ALA B 404 27.10 -28.43 11.11
CA ALA B 404 26.31 -29.66 11.23
C ALA B 404 25.67 -30.07 9.91
N VAL B 405 25.25 -29.09 9.12
CA VAL B 405 24.68 -29.37 7.79
C VAL B 405 25.74 -30.02 6.92
N SER B 406 26.93 -29.40 6.90
CA SER B 406 28.09 -29.88 6.16
C SER B 406 28.49 -31.32 6.50
N LEU B 407 28.51 -31.68 7.78
CA LEU B 407 28.83 -33.05 8.22
C LEU B 407 27.77 -34.06 7.80
N ALA B 408 26.51 -33.65 7.84
CA ALA B 408 25.43 -34.51 7.39
C ALA B 408 25.59 -34.83 5.89
N ILE B 409 25.90 -33.79 5.10
CA ILE B 409 26.10 -33.91 3.65
C ILE B 409 27.21 -34.93 3.29
N THR B 410 28.34 -34.86 3.99
CA THR B 410 29.50 -35.69 3.70
C THR B 410 29.52 -37.00 4.49
C1 GOL C . -9.28 25.45 -7.78
O1 GOL C . -8.49 26.34 -8.54
C2 GOL C . -9.07 25.65 -6.29
O2 GOL C . -7.74 25.33 -5.91
C3 GOL C . -10.08 24.80 -5.52
O3 GOL C . -9.47 23.70 -4.88
C1 PEG D . -26.76 18.36 17.91
O1 PEG D . -26.63 18.88 19.24
C2 PEG D . -26.75 16.85 18.04
O2 PEG D . -27.27 16.18 16.89
C3 PEG D . -28.09 15.08 17.25
C4 PEG D . -27.28 13.82 17.53
O4 PEG D . -27.84 13.14 18.68
C1 PEG E . -23.50 -2.88 13.27
O1 PEG E . -22.50 -2.62 12.31
C2 PEG E . -23.07 -4.04 14.14
O2 PEG E . -23.86 -4.06 15.33
C3 PEG E . -23.33 -4.92 16.34
C4 PEG E . -22.30 -4.13 17.16
O4 PEG E . -22.29 -4.56 18.53
#